data_7FT9
#
_entry.id   7FT9
#
_cell.length_a   80.845
_cell.length_b   49.152
_cell.length_c   115.021
_cell.angle_alpha   90.000
_cell.angle_beta   95.030
_cell.angle_gamma   90.000
#
_symmetry.space_group_name_H-M   'P 1 21 1'
#
loop_
_entity.id
_entity.type
_entity.pdbx_description
1 polymer Syntenin-1
2 non-polymer 1,2-ETHANEDIOL
3 non-polymer 'D-GLUTAMIC ACID'
4 non-polymer '4-[(METHYLSULFONYL)AMINO]BENZOIC ACID'
5 non-polymer GLYCINE
6 non-polymer 'SULFATE ION'
7 non-polymer ALANINE
8 water water
#
_entity_poly.entity_id   1
_entity_poly.type   'polypeptide(L)'
_entity_poly.pdbx_seq_one_letter_code
;SMAEIKQGIREVILCKDQDGKIGLRLKSIDNGIFVQLVQANSPASLVGLRFGDQVLQINGENCAGWSSDKAHKVLKQAFG
EKITMTIRDRPFERTITMHKDSTGHVGFIFKNGKITSIVKDSSAARNGLLTEHNICEINGQNVIGLKDSQIADILSTSGT
VVTITIMPAFIFEHIIKRMAPSIMKSLMDHTIPEV
;
_entity_poly.pdbx_strand_id   A,B,C,D
#
loop_
_chem_comp.id
_chem_comp.type
_chem_comp.name
_chem_comp.formula
4MB non-polymer '4-[(METHYLSULFONYL)AMINO]BENZOIC ACID' 'C8 H9 N O4 S'
EDO non-polymer 1,2-ETHANEDIOL 'C2 H6 O2'
SO4 non-polymer 'SULFATE ION' 'O4 S -2'
#
# COMPACT_ATOMS: atom_id res chain seq x y z
N ILE A 5 22.18 -17.85 3.46
CA ILE A 5 21.28 -17.14 2.52
C ILE A 5 21.77 -17.52 1.10
N LYS A 6 20.91 -18.07 0.22
CA LYS A 6 21.30 -18.42 -1.19
C LYS A 6 21.25 -17.15 -2.05
N GLN A 7 22.25 -16.95 -2.94
CA GLN A 7 22.42 -15.71 -3.74
C GLN A 7 21.87 -15.90 -5.18
N GLY A 8 20.55 -15.71 -5.29
CA GLY A 8 19.79 -15.49 -6.53
C GLY A 8 18.40 -16.11 -6.33
N ILE A 9 17.82 -16.60 -7.39
CA ILE A 9 16.42 -17.07 -7.40
C ILE A 9 16.40 -18.59 -7.54
N ARG A 10 15.42 -19.25 -6.92
CA ARG A 10 15.28 -20.72 -7.07
C ARG A 10 13.81 -21.03 -7.30
N GLU A 11 13.56 -22.15 -7.96
CA GLU A 11 12.19 -22.61 -8.25
C GLU A 11 11.96 -23.68 -7.22
N VAL A 12 10.77 -23.69 -6.64
CA VAL A 12 10.32 -24.78 -5.74
C VAL A 12 8.96 -25.21 -6.29
N ILE A 13 8.66 -26.47 -6.12
CA ILE A 13 7.41 -27.04 -6.64
C ILE A 13 6.76 -27.70 -5.43
N LEU A 14 5.52 -27.33 -5.14
CA LEU A 14 4.74 -27.75 -3.96
C LEU A 14 3.56 -28.60 -4.43
N CYS A 15 3.02 -29.35 -3.49
CA CYS A 15 1.80 -30.17 -3.64
C CYS A 15 0.96 -29.93 -2.38
N LYS A 16 -0.25 -29.39 -2.50
CA LYS A 16 -1.20 -29.17 -1.36
C LYS A 16 -1.37 -30.50 -0.63
N ASP A 17 -1.59 -30.48 0.69
CA ASP A 17 -1.74 -31.76 1.46
C ASP A 17 -3.14 -32.29 1.16
N GLN A 18 -3.60 -33.29 1.91
CA GLN A 18 -4.94 -33.90 1.66
C GLN A 18 -6.05 -32.90 2.04
N ASP A 19 -5.78 -31.97 2.95
CA ASP A 19 -6.76 -30.94 3.42
C ASP A 19 -6.73 -29.67 2.55
N GLY A 20 -6.01 -29.71 1.43
CA GLY A 20 -5.85 -28.58 0.50
C GLY A 20 -4.89 -27.53 1.03
N LYS A 21 -4.03 -27.83 1.99
CA LYS A 21 -3.20 -26.83 2.71
C LYS A 21 -1.78 -26.84 2.18
N ILE A 22 -1.05 -25.73 2.27
CA ILE A 22 0.40 -25.80 1.95
C ILE A 22 1.25 -25.29 3.11
N GLY A 23 0.62 -24.64 4.06
CA GLY A 23 1.25 -24.24 5.33
C GLY A 23 1.95 -22.90 5.25
N LEU A 24 1.38 -21.90 4.57
CA LEU A 24 2.03 -20.60 4.28
C LEU A 24 1.09 -19.45 4.58
N ARG A 25 1.58 -18.41 5.24
CA ARG A 25 0.86 -17.11 5.26
C ARG A 25 1.84 -16.12 4.64
N LEU A 26 1.33 -15.30 3.74
CA LEU A 26 2.13 -14.36 2.93
C LEU A 26 1.78 -12.94 3.31
N LYS A 27 2.69 -12.02 3.04
CA LYS A 27 2.51 -10.63 3.47
C LYS A 27 3.08 -9.71 2.36
N SER A 28 2.27 -8.74 1.94
CA SER A 28 2.69 -7.70 0.97
C SER A 28 3.64 -6.76 1.70
N ILE A 29 4.85 -6.55 1.16
CA ILE A 29 5.88 -5.62 1.72
C ILE A 29 6.59 -4.95 0.53
N ASP A 30 6.54 -3.64 0.47
CA ASP A 30 7.25 -2.83 -0.55
C ASP A 30 6.93 -3.37 -1.94
N ASN A 31 5.65 -3.64 -2.23
CA ASN A 31 5.19 -4.12 -3.56
C ASN A 31 5.78 -5.50 -3.88
N GLY A 32 6.25 -6.22 -2.88
CA GLY A 32 6.71 -7.60 -3.01
C GLY A 32 5.84 -8.53 -2.18
N ILE A 33 6.00 -9.81 -2.37
CA ILE A 33 5.28 -10.78 -1.49
C ILE A 33 6.31 -11.55 -0.72
N PHE A 34 6.10 -11.69 0.61
CA PHE A 34 7.07 -12.32 1.54
C PHE A 34 6.37 -13.38 2.43
N VAL A 35 7.11 -14.40 2.80
CA VAL A 35 6.63 -15.48 3.70
C VAL A 35 6.54 -14.90 5.12
N GLN A 36 5.35 -14.83 5.70
CA GLN A 36 5.13 -14.38 7.11
C GLN A 36 5.20 -15.55 8.11
N LEU A 37 4.55 -16.66 7.75
CA LEU A 37 4.47 -17.92 8.54
C LEU A 37 4.67 -19.09 7.60
N VAL A 38 5.44 -20.07 8.08
CA VAL A 38 5.55 -21.45 7.51
C VAL A 38 5.11 -22.43 8.62
N GLN A 39 4.08 -23.23 8.35
CA GLN A 39 3.50 -24.16 9.37
C GLN A 39 4.42 -25.38 9.44
N ALA A 40 4.73 -25.86 10.65
CA ALA A 40 5.48 -27.14 10.87
C ALA A 40 4.82 -28.27 10.08
N ASN A 41 5.64 -29.15 9.49
CA ASN A 41 5.25 -30.41 8.81
C ASN A 41 4.27 -30.13 7.67
N SER A 42 4.30 -28.94 7.04
CA SER A 42 3.50 -28.64 5.82
C SER A 42 4.28 -28.95 4.54
N PRO A 43 3.63 -28.89 3.37
CA PRO A 43 4.36 -28.86 2.12
C PRO A 43 5.36 -27.68 2.06
N ALA A 44 4.99 -26.48 2.57
CA ALA A 44 5.86 -25.28 2.54
C ALA A 44 7.15 -25.63 3.31
N SER A 45 7.03 -26.15 4.55
CA SER A 45 8.24 -26.50 5.35
C SER A 45 9.06 -27.54 4.59
N LEU A 46 8.43 -28.60 4.10
CA LEU A 46 9.13 -29.76 3.50
C LEU A 46 9.91 -29.35 2.25
N VAL A 47 9.42 -28.39 1.45
CA VAL A 47 10.19 -27.97 0.24
C VAL A 47 11.22 -26.92 0.65
N GLY A 48 11.20 -26.48 1.91
CA GLY A 48 12.24 -25.66 2.49
C GLY A 48 11.93 -24.17 2.36
N LEU A 49 10.66 -23.75 2.24
CA LEU A 49 10.24 -22.34 2.38
C LEU A 49 10.56 -21.83 3.79
N ARG A 50 11.05 -20.63 3.86
CA ARG A 50 11.46 -20.04 5.14
C ARG A 50 10.78 -18.71 5.32
N PHE A 51 10.57 -18.41 6.60
CA PHE A 51 10.24 -17.06 7.07
C PHE A 51 11.14 -16.03 6.34
N GLY A 52 10.53 -14.98 5.83
CA GLY A 52 11.30 -13.93 5.11
C GLY A 52 11.58 -14.17 3.65
N ASP A 53 11.29 -15.33 3.08
CA ASP A 53 11.58 -15.63 1.65
C ASP A 53 10.67 -14.68 0.85
N GLN A 54 11.13 -14.26 -0.30
CA GLN A 54 10.28 -13.45 -1.18
C GLN A 54 9.65 -14.36 -2.23
N VAL A 55 8.35 -14.19 -2.47
CA VAL A 55 7.69 -14.88 -3.61
C VAL A 55 7.64 -13.96 -4.84
N LEU A 56 8.49 -14.28 -5.82
CA LEU A 56 8.62 -13.58 -7.12
C LEU A 56 7.49 -14.01 -8.05
N GLN A 57 7.30 -15.31 -8.19
CA GLN A 57 6.20 -15.87 -9.04
C GLN A 57 5.49 -17.01 -8.33
N ILE A 58 4.22 -17.22 -8.69
CA ILE A 58 3.41 -18.44 -8.45
C ILE A 58 2.84 -18.90 -9.79
N ASN A 59 3.16 -20.14 -10.21
CA ASN A 59 2.77 -20.74 -11.51
C ASN A 59 3.04 -19.74 -12.65
N GLY A 60 4.21 -19.08 -12.63
CA GLY A 60 4.73 -18.20 -13.71
C GLY A 60 4.09 -16.83 -13.73
N GLU A 61 3.18 -16.53 -12.80
CA GLU A 61 2.50 -15.23 -12.61
C GLU A 61 3.30 -14.37 -11.60
N ASN A 62 3.70 -13.16 -11.99
CA ASN A 62 4.49 -12.25 -11.12
C ASN A 62 3.62 -11.81 -9.95
N CYS A 63 4.17 -11.84 -8.75
CA CYS A 63 3.51 -11.42 -7.50
C CYS A 63 3.64 -9.91 -7.31
N ALA A 64 4.45 -9.19 -8.12
CA ALA A 64 4.71 -7.77 -7.87
C ALA A 64 3.36 -7.07 -7.66
N GLY A 65 3.24 -6.29 -6.60
CA GLY A 65 2.08 -5.46 -6.35
C GLY A 65 0.86 -6.21 -5.81
N TRP A 66 0.88 -7.53 -5.65
CA TRP A 66 -0.28 -8.28 -5.09
C TRP A 66 -0.55 -7.86 -3.66
N SER A 67 -1.81 -7.71 -3.27
CA SER A 67 -2.26 -7.71 -1.85
C SER A 67 -1.96 -9.09 -1.26
N SER A 68 -1.72 -9.15 0.04
CA SER A 68 -1.68 -10.42 0.82
C SER A 68 -2.98 -11.19 0.55
N ASP A 69 -4.15 -10.53 0.62
CA ASP A 69 -5.45 -11.21 0.33
C ASP A 69 -5.35 -11.84 -1.07
N LYS A 70 -4.85 -11.11 -2.08
CA LYS A 70 -4.80 -11.69 -3.46
C LYS A 70 -3.84 -12.89 -3.57
N ALA A 71 -2.68 -12.90 -2.90
CA ALA A 71 -1.73 -14.05 -2.99
C ALA A 71 -2.38 -15.30 -2.39
N HIS A 72 -3.09 -15.10 -1.29
CA HIS A 72 -3.87 -16.15 -0.55
C HIS A 72 -4.96 -16.77 -1.44
N LYS A 73 -5.61 -15.93 -2.26
CA LYS A 73 -6.72 -16.29 -3.17
C LYS A 73 -6.14 -17.05 -4.36
N VAL A 74 -4.96 -16.65 -4.85
CA VAL A 74 -4.33 -17.32 -6.00
C VAL A 74 -3.91 -18.74 -5.60
N LEU A 75 -3.30 -18.91 -4.41
CA LEU A 75 -2.93 -20.23 -3.84
C LEU A 75 -4.18 -21.13 -3.65
N LYS A 76 -5.31 -20.53 -3.28
CA LYS A 76 -6.62 -21.24 -3.11
C LYS A 76 -7.07 -21.81 -4.45
N GLN A 77 -7.13 -20.98 -5.49
CA GLN A 77 -7.72 -21.34 -6.81
C GLN A 77 -6.78 -22.28 -7.59
N ALA A 78 -5.54 -22.51 -7.15
CA ALA A 78 -4.50 -23.26 -7.90
C ALA A 78 -4.84 -24.76 -7.91
N PHE A 79 -4.67 -25.46 -9.05
CA PHE A 79 -4.73 -26.94 -9.09
C PHE A 79 -3.72 -27.49 -8.05
N GLY A 80 -4.23 -28.14 -6.98
CA GLY A 80 -3.42 -28.67 -5.87
C GLY A 80 -2.22 -29.47 -6.35
N GLU A 81 -2.49 -30.50 -7.15
CA GLU A 81 -1.62 -31.15 -8.20
C GLU A 81 -0.14 -30.78 -8.00
N LYS A 82 0.26 -29.60 -8.48
CA LYS A 82 1.66 -29.12 -8.46
C LYS A 82 1.57 -27.60 -8.64
N ILE A 83 2.08 -26.88 -7.65
CA ILE A 83 2.23 -25.40 -7.65
C ILE A 83 3.72 -25.06 -7.77
N THR A 84 4.11 -24.29 -8.79
CA THR A 84 5.50 -23.81 -8.92
C THR A 84 5.60 -22.45 -8.22
N MET A 85 6.73 -22.17 -7.61
CA MET A 85 7.03 -20.83 -7.04
C MET A 85 8.45 -20.44 -7.34
N THR A 86 8.67 -19.18 -7.71
CA THR A 86 10.02 -18.64 -7.82
C THR A 86 10.26 -17.75 -6.60
N ILE A 87 11.37 -18.02 -5.93
CA ILE A 87 11.70 -17.59 -4.54
C ILE A 87 13.04 -16.83 -4.57
N ARG A 88 13.15 -15.70 -3.89
CA ARG A 88 14.44 -15.10 -3.49
C ARG A 88 14.67 -15.51 -2.03
N ASP A 89 15.81 -16.10 -1.70
CA ASP A 89 16.00 -16.60 -0.31
C ASP A 89 16.21 -15.43 0.67
N ARG A 90 15.34 -15.25 1.65
CA ARG A 90 15.51 -14.37 2.86
C ARG A 90 16.23 -13.04 2.55
N PRO A 91 15.71 -12.22 1.62
CA PRO A 91 16.46 -11.08 1.11
C PRO A 91 16.67 -9.92 2.07
N PHE A 92 15.82 -9.80 3.08
CA PHE A 92 15.97 -8.81 4.17
C PHE A 92 16.88 -9.33 5.29
N GLU A 93 17.44 -10.54 5.21
CA GLU A 93 18.16 -11.16 6.34
C GLU A 93 19.65 -11.32 5.99
N ARG A 94 20.47 -11.37 7.02
CA ARG A 94 21.88 -11.75 6.85
C ARG A 94 22.20 -12.75 7.96
N THR A 95 23.22 -13.53 7.74
CA THR A 95 23.77 -14.52 8.67
C THR A 95 25.10 -14.02 9.22
N ILE A 96 25.27 -14.11 10.52
CA ILE A 96 26.51 -13.72 11.24
C ILE A 96 27.02 -14.97 11.95
N THR A 97 28.28 -15.31 11.76
CA THR A 97 28.90 -16.47 12.44
C THR A 97 29.82 -15.98 13.55
N MET A 98 29.55 -16.46 14.75
CA MET A 98 30.24 -16.09 16.01
C MET A 98 30.74 -17.37 16.70
N HIS A 99 31.71 -17.23 17.62
CA HIS A 99 32.30 -18.27 18.51
C HIS A 99 32.03 -17.91 19.98
N LYS A 100 31.51 -18.84 20.77
CA LYS A 100 31.28 -18.64 22.23
C LYS A 100 32.63 -18.39 22.90
N ASP A 101 32.67 -17.50 23.90
CA ASP A 101 33.87 -17.33 24.76
C ASP A 101 33.98 -18.55 25.72
N SER A 102 34.97 -18.56 26.62
CA SER A 102 35.20 -19.68 27.58
C SER A 102 34.02 -19.85 28.57
N THR A 103 33.20 -18.82 28.73
CA THR A 103 32.00 -18.85 29.61
C THR A 103 30.74 -19.08 28.76
N GLY A 104 30.90 -19.46 27.49
CA GLY A 104 29.79 -19.90 26.62
C GLY A 104 28.97 -18.73 26.08
N HIS A 105 29.58 -17.56 25.90
CA HIS A 105 28.89 -16.31 25.45
C HIS A 105 29.36 -15.86 24.07
N VAL A 106 28.46 -15.49 23.18
CA VAL A 106 28.85 -14.89 21.86
C VAL A 106 28.96 -13.37 22.02
N GLY A 107 28.22 -12.78 22.97
CA GLY A 107 28.50 -11.40 23.39
C GLY A 107 27.41 -10.42 23.00
N PHE A 108 26.15 -10.71 23.29
CA PHE A 108 25.05 -9.74 23.12
C PHE A 108 23.95 -10.02 24.12
N ILE A 109 23.06 -9.04 24.22
CA ILE A 109 21.80 -9.08 24.99
C ILE A 109 20.70 -8.78 23.97
N PHE A 110 19.52 -9.36 24.23
CA PHE A 110 18.31 -9.20 23.41
C PHE A 110 17.06 -9.22 24.28
N LYS A 111 15.97 -8.74 23.70
CA LYS A 111 14.68 -8.65 24.41
C LYS A 111 13.60 -8.75 23.34
N ASN A 112 12.61 -9.63 23.52
CA ASN A 112 11.58 -9.91 22.51
C ASN A 112 12.26 -10.31 21.20
N GLY A 113 13.38 -11.01 21.27
CA GLY A 113 14.08 -11.51 20.07
C GLY A 113 14.87 -10.40 19.35
N LYS A 114 14.90 -9.18 19.90
CA LYS A 114 15.59 -8.01 19.29
C LYS A 114 16.87 -7.73 20.08
N ILE A 115 18.00 -7.79 19.38
CA ILE A 115 19.34 -7.53 19.95
C ILE A 115 19.33 -6.05 20.37
N THR A 116 19.71 -5.76 21.61
CA THR A 116 19.64 -4.41 22.24
C THR A 116 21.03 -3.95 22.65
N SER A 117 22.02 -4.83 22.85
CA SER A 117 23.41 -4.33 23.03
C SER A 117 24.45 -5.38 22.69
N ILE A 118 25.64 -4.88 22.37
CA ILE A 118 26.84 -5.66 21.97
C ILE A 118 27.93 -5.50 23.05
N VAL A 119 28.45 -6.65 23.53
CA VAL A 119 29.46 -6.72 24.64
C VAL A 119 30.86 -6.48 24.09
N LYS A 120 31.54 -5.49 24.71
CA LYS A 120 32.92 -5.09 24.38
C LYS A 120 33.76 -6.37 24.29
N ASP A 121 34.55 -6.47 23.23
CA ASP A 121 35.65 -7.47 23.08
C ASP A 121 35.05 -8.87 22.92
N SER A 122 33.82 -9.00 22.39
CA SER A 122 33.16 -10.30 22.18
C SER A 122 33.27 -10.68 20.72
N SER A 123 32.87 -11.93 20.44
CA SER A 123 32.74 -12.46 19.07
C SER A 123 31.64 -11.66 18.37
N ALA A 124 30.58 -11.22 19.08
CA ALA A 124 29.52 -10.39 18.46
C ALA A 124 30.15 -9.07 17.98
N ALA A 125 30.97 -8.45 18.81
CA ALA A 125 31.66 -7.18 18.46
C ALA A 125 32.68 -7.45 17.36
N ARG A 126 33.47 -8.51 17.47
CA ARG A 126 34.49 -8.82 16.41
C ARG A 126 33.77 -9.07 15.08
N ASN A 127 32.56 -9.67 15.09
CA ASN A 127 31.84 -10.01 13.84
C ASN A 127 30.91 -8.87 13.36
N GLY A 128 30.86 -7.76 14.08
CA GLY A 128 29.99 -6.61 13.80
C GLY A 128 28.53 -6.95 13.88
N LEU A 129 28.09 -7.69 14.90
CA LEU A 129 26.66 -7.92 15.12
C LEU A 129 26.03 -6.53 15.36
N LEU A 130 24.84 -6.28 14.89
CA LEU A 130 24.12 -4.99 15.11
C LEU A 130 22.97 -5.13 16.10
N THR A 131 22.67 -4.00 16.74
CA THR A 131 21.45 -3.85 17.59
C THR A 131 20.28 -3.50 16.69
N GLU A 132 19.10 -3.39 17.29
CA GLU A 132 17.84 -3.06 16.56
C GLU A 132 17.62 -4.05 15.40
N HIS A 133 18.06 -5.29 15.59
CA HIS A 133 17.89 -6.39 14.63
C HIS A 133 17.17 -7.54 15.35
N ASN A 134 16.21 -8.19 14.72
CA ASN A 134 15.52 -9.38 15.30
C ASN A 134 16.23 -10.66 14.87
N ILE A 135 16.32 -11.59 15.82
CA ILE A 135 16.82 -12.94 15.56
C ILE A 135 15.74 -13.72 14.81
N CYS A 136 16.02 -14.16 13.58
CA CYS A 136 15.06 -15.01 12.82
C CYS A 136 15.41 -16.51 13.00
N GLU A 137 16.71 -16.83 13.05
CA GLU A 137 17.22 -18.23 12.99
C GLU A 137 18.54 -18.33 13.77
N ILE A 138 18.74 -19.48 14.40
CA ILE A 138 20.02 -19.83 15.07
C ILE A 138 20.40 -21.20 14.48
N ASN A 139 21.56 -21.26 13.83
CA ASN A 139 21.99 -22.48 13.09
C ASN A 139 20.86 -22.99 12.20
N GLY A 140 20.17 -22.09 11.49
CA GLY A 140 19.15 -22.50 10.50
C GLY A 140 17.82 -22.97 11.11
N GLN A 141 17.66 -22.91 12.43
CA GLN A 141 16.37 -23.17 13.10
C GLN A 141 15.64 -21.86 13.29
N ASN A 142 14.41 -21.77 12.79
CA ASN A 142 13.49 -20.63 13.06
C ASN A 142 13.19 -20.54 14.56
N VAL A 143 13.39 -19.36 15.15
CA VAL A 143 13.12 -19.15 16.61
C VAL A 143 12.12 -18.03 16.80
N ILE A 144 11.46 -17.63 15.72
CA ILE A 144 10.48 -16.50 15.78
C ILE A 144 9.23 -16.94 16.56
N GLY A 145 8.86 -16.17 17.58
CA GLY A 145 7.72 -16.40 18.49
C GLY A 145 8.06 -17.26 19.69
N LEU A 146 9.26 -17.86 19.73
CA LEU A 146 9.76 -18.52 20.96
C LEU A 146 9.93 -17.48 22.06
N LYS A 147 9.68 -17.88 23.29
CA LYS A 147 10.06 -17.10 24.50
C LYS A 147 11.53 -16.73 24.40
N ASP A 148 11.88 -15.60 25.00
CA ASP A 148 13.28 -15.18 25.17
C ASP A 148 14.07 -16.29 25.85
N SER A 149 13.53 -16.92 26.92
CA SER A 149 14.24 -18.00 27.63
C SER A 149 14.57 -19.14 26.65
N GLN A 150 13.65 -19.44 25.73
CA GLN A 150 13.84 -20.59 24.81
C GLN A 150 14.96 -20.29 23.81
N ILE A 151 15.04 -19.04 23.37
CA ILE A 151 16.12 -18.60 22.44
C ILE A 151 17.45 -18.72 23.20
N ALA A 152 17.45 -18.32 24.47
CA ALA A 152 18.63 -18.42 25.37
C ALA A 152 19.05 -19.89 25.45
N ASP A 153 18.07 -20.75 25.74
CA ASP A 153 18.25 -22.23 25.82
C ASP A 153 18.88 -22.70 24.50
N ILE A 154 18.30 -22.35 23.32
CA ILE A 154 18.81 -22.83 22.01
C ILE A 154 20.27 -22.40 21.84
N LEU A 155 20.61 -21.14 22.20
CA LEU A 155 22.01 -20.66 22.12
C LEU A 155 22.91 -21.47 23.07
N SER A 156 22.41 -21.78 24.26
CA SER A 156 23.10 -22.60 25.29
C SER A 156 23.49 -23.96 24.68
N THR A 157 22.53 -24.63 24.03
CA THR A 157 22.71 -26.01 23.46
C THR A 157 23.12 -25.98 21.97
N SER A 158 23.76 -24.89 21.51
CA SER A 158 24.64 -24.95 20.33
C SER A 158 26.07 -25.19 20.82
N GLY A 159 26.91 -25.77 19.97
CA GLY A 159 28.37 -25.80 20.12
C GLY A 159 28.96 -24.41 20.07
N THR A 160 30.28 -24.32 20.02
CA THR A 160 31.02 -23.04 20.17
C THR A 160 30.62 -22.11 19.02
N VAL A 161 30.33 -22.67 17.84
CA VAL A 161 30.11 -21.90 16.58
C VAL A 161 28.60 -21.77 16.38
N VAL A 162 28.15 -20.52 16.41
CA VAL A 162 26.73 -20.11 16.34
C VAL A 162 26.53 -19.19 15.11
N THR A 163 25.62 -19.56 14.26
CA THR A 163 25.20 -18.75 13.10
C THR A 163 23.85 -18.20 13.47
N ILE A 164 23.74 -16.87 13.50
CA ILE A 164 22.42 -16.25 13.74
C ILE A 164 22.01 -15.55 12.45
N THR A 165 20.73 -15.66 12.12
CA THR A 165 20.12 -14.98 10.96
C THR A 165 19.31 -13.82 11.53
N ILE A 166 19.60 -12.62 11.07
CA ILE A 166 19.08 -11.37 11.69
C ILE A 166 18.35 -10.58 10.61
N MET A 167 17.40 -9.77 11.04
CA MET A 167 16.65 -8.89 10.13
C MET A 167 16.54 -7.54 10.83
N PRO A 168 16.74 -6.38 10.13
CA PRO A 168 16.47 -5.07 10.75
C PRO A 168 15.08 -5.09 11.41
N ALA A 169 15.00 -4.59 12.62
CA ALA A 169 13.77 -4.63 13.45
C ALA A 169 12.58 -3.95 12.80
N PHE A 170 12.77 -2.79 12.13
N PHE A 170 12.79 -2.84 12.08
CA PHE A 170 11.67 -2.08 11.44
CA PHE A 170 11.70 -2.06 11.43
C PHE A 170 11.01 -3.04 10.45
C PHE A 170 11.02 -2.89 10.33
N ILE A 171 11.84 -3.71 9.62
CA ILE A 171 11.32 -4.62 8.57
C ILE A 171 10.65 -5.79 9.29
N PHE A 172 11.32 -6.41 10.26
CA PHE A 172 10.75 -7.54 10.99
C PHE A 172 9.31 -7.19 11.43
N GLU A 173 9.13 -6.03 12.05
CA GLU A 173 7.86 -5.58 12.70
C GLU A 173 6.80 -5.26 11.64
N HIS A 174 7.19 -4.86 10.41
CA HIS A 174 6.21 -4.67 9.31
C HIS A 174 5.72 -6.03 8.79
N ILE A 175 6.53 -7.09 8.92
CA ILE A 175 6.22 -8.42 8.34
C ILE A 175 5.26 -9.15 9.29
N ILE A 176 5.56 -9.13 10.59
CA ILE A 176 4.76 -9.84 11.63
C ILE A 176 3.68 -8.93 12.20
N LYS A 177 3.35 -7.82 11.52
CA LYS A 177 2.02 -7.13 11.60
C LYS A 177 0.92 -8.17 11.29
N ARG A 178 0.05 -8.46 12.27
CA ARG A 178 -1.19 -9.28 12.16
C ARG A 178 -0.86 -10.78 12.37
N MET A 179 -0.79 -11.20 13.64
CA MET A 179 -0.41 -12.56 14.13
C MET A 179 0.10 -12.46 15.57
N ALA A 180 -0.63 -12.97 16.57
CA ALA A 180 -0.33 -12.81 18.01
C ALA A 180 0.87 -13.68 18.39
N PRO A 181 1.62 -13.34 19.47
CA PRO A 181 2.65 -14.25 20.01
C PRO A 181 2.16 -15.58 20.66
N SER A 182 1.16 -16.23 20.02
CA SER A 182 0.70 -17.64 20.24
C SER A 182 0.70 -18.42 18.91
N ILE A 183 0.15 -17.88 17.81
CA ILE A 183 0.40 -18.48 16.46
C ILE A 183 1.93 -18.48 16.27
N MET A 184 2.56 -17.30 16.50
CA MET A 184 4.03 -17.07 16.52
C MET A 184 4.67 -18.20 17.34
N LYS A 185 4.34 -18.31 18.63
CA LYS A 185 4.99 -19.25 19.59
C LYS A 185 4.64 -20.72 19.22
N SER A 186 3.42 -20.98 18.74
CA SER A 186 2.81 -22.33 18.72
C SER A 186 2.89 -22.97 17.34
N LEU A 187 2.58 -22.24 16.26
CA LEU A 187 2.43 -22.84 14.90
C LEU A 187 3.63 -22.58 13.96
N MET A 188 4.27 -21.40 14.04
CA MET A 188 5.49 -21.05 13.24
C MET A 188 6.44 -22.24 13.34
N ASP A 189 6.84 -22.78 12.19
CA ASP A 189 7.77 -23.94 12.18
C ASP A 189 9.03 -23.55 12.96
N HIS A 190 9.41 -24.34 13.97
CA HIS A 190 10.65 -24.18 14.76
C HIS A 190 11.47 -25.47 14.68
N THR A 191 11.11 -26.40 13.82
CA THR A 191 11.75 -27.74 13.79
C THR A 191 13.16 -27.58 13.20
N ILE A 192 14.10 -28.40 13.66
CA ILE A 192 15.42 -28.50 13.00
C ILE A 192 15.11 -29.12 11.64
N PRO A 193 15.64 -28.54 10.56
CA PRO A 193 15.39 -29.05 9.22
C PRO A 193 15.77 -30.54 9.10
N GLU A 194 14.93 -31.28 8.39
CA GLU A 194 14.99 -32.72 8.07
C GLU A 194 15.87 -32.94 6.85
N VAL A 195 16.66 -34.01 6.89
CA VAL A 195 17.33 -34.56 5.68
C VAL A 195 16.58 -35.84 5.27
N ALA B 3 -34.61 -17.94 2.50
CA ALA B 3 -33.84 -17.84 3.82
C ALA B 3 -34.09 -19.09 4.66
N GLU B 4 -34.43 -20.20 3.98
CA GLU B 4 -34.87 -21.49 4.60
C GLU B 4 -33.77 -21.95 5.56
N ILE B 5 -34.13 -22.35 6.77
CA ILE B 5 -33.18 -22.93 7.77
C ILE B 5 -32.82 -24.33 7.22
N LYS B 6 -31.55 -24.54 6.90
CA LYS B 6 -31.00 -25.79 6.35
C LYS B 6 -30.93 -26.77 7.53
N GLN B 7 -31.49 -27.96 7.37
CA GLN B 7 -31.46 -28.97 8.48
C GLN B 7 -30.12 -29.72 8.45
N GLY B 8 -29.81 -30.44 9.52
CA GLY B 8 -28.55 -31.18 9.65
C GLY B 8 -27.39 -30.21 9.79
N ILE B 9 -26.20 -30.66 9.46
CA ILE B 9 -24.94 -29.95 9.78
C ILE B 9 -24.15 -29.67 8.50
N ARG B 10 -23.53 -28.49 8.35
CA ARG B 10 -22.72 -28.15 7.14
C ARG B 10 -21.28 -27.85 7.53
N GLU B 11 -20.31 -28.05 6.64
CA GLU B 11 -18.89 -27.66 6.92
C GLU B 11 -18.60 -26.36 6.18
N VAL B 12 -18.01 -25.36 6.84
CA VAL B 12 -17.54 -24.13 6.15
C VAL B 12 -16.03 -24.06 6.30
N ILE B 13 -15.36 -23.46 5.31
CA ILE B 13 -13.88 -23.34 5.28
C ILE B 13 -13.54 -21.85 5.22
N LEU B 14 -12.80 -21.37 6.22
CA LEU B 14 -12.48 -19.94 6.43
C LEU B 14 -10.98 -19.75 6.34
N CYS B 15 -10.56 -18.51 6.09
CA CYS B 15 -9.15 -18.04 5.93
C CYS B 15 -9.02 -16.68 6.62
N LYS B 16 -8.20 -16.52 7.67
CA LYS B 16 -8.05 -15.20 8.30
C LYS B 16 -7.57 -14.20 7.24
N ASP B 17 -8.11 -13.00 7.31
CA ASP B 17 -7.80 -11.88 6.40
C ASP B 17 -6.44 -11.33 6.80
N GLN B 18 -5.95 -10.35 6.02
CA GLN B 18 -4.55 -9.87 6.17
C GLN B 18 -4.39 -9.27 7.56
N ASP B 19 -5.47 -8.86 8.24
CA ASP B 19 -5.42 -8.32 9.64
C ASP B 19 -5.50 -9.45 10.68
N GLY B 20 -5.46 -10.71 10.25
CA GLY B 20 -5.50 -11.87 11.15
C GLY B 20 -6.91 -12.10 11.71
N LYS B 21 -7.95 -11.55 11.08
CA LYS B 21 -9.34 -11.53 11.62
C LYS B 21 -10.23 -12.47 10.83
N ILE B 22 -11.31 -12.92 11.46
CA ILE B 22 -12.31 -13.85 10.85
C ILE B 22 -13.61 -13.08 10.66
N GLY B 23 -13.85 -12.18 11.59
CA GLY B 23 -14.99 -11.26 11.64
C GLY B 23 -16.16 -11.97 12.31
N LEU B 24 -15.91 -12.69 13.41
CA LEU B 24 -16.95 -13.43 14.22
C LEU B 24 -16.83 -13.01 15.69
N ARG B 25 -17.92 -13.02 16.43
CA ARG B 25 -17.84 -13.16 17.89
C ARG B 25 -18.74 -14.37 18.24
N LEU B 26 -18.26 -15.14 19.18
CA LEU B 26 -18.86 -16.41 19.66
C LEU B 26 -19.29 -16.25 21.12
N LYS B 27 -20.44 -16.87 21.44
CA LYS B 27 -21.07 -16.85 22.78
C LYS B 27 -21.45 -18.28 23.21
N SER B 28 -21.09 -18.66 24.45
CA SER B 28 -21.54 -19.91 25.10
C SER B 28 -23.05 -19.78 25.46
N ILE B 29 -23.88 -20.67 24.88
CA ILE B 29 -25.34 -20.80 25.18
C ILE B 29 -25.62 -22.30 25.36
N ASP B 30 -26.10 -22.65 26.55
CA ASP B 30 -26.65 -23.98 26.92
C ASP B 30 -25.60 -25.03 26.59
N ASN B 31 -24.32 -24.75 26.83
CA ASN B 31 -23.18 -25.68 26.62
C ASN B 31 -22.87 -25.86 25.13
N GLY B 32 -23.44 -25.05 24.25
CA GLY B 32 -22.98 -24.95 22.87
C GLY B 32 -22.29 -23.61 22.57
N ILE B 33 -21.85 -23.43 21.35
CA ILE B 33 -21.24 -22.15 20.91
C ILE B 33 -22.08 -21.63 19.76
N PHE B 34 -22.37 -20.33 19.80
CA PHE B 34 -23.25 -19.63 18.85
C PHE B 34 -22.60 -18.31 18.37
N VAL B 35 -22.94 -17.89 17.17
CA VAL B 35 -22.43 -16.68 16.50
C VAL B 35 -23.27 -15.53 17.04
N GLN B 36 -22.67 -14.61 17.76
CA GLN B 36 -23.43 -13.39 18.23
C GLN B 36 -23.09 -12.20 17.39
N LEU B 37 -22.07 -12.29 16.53
CA LEU B 37 -21.77 -11.19 15.57
C LEU B 37 -21.00 -11.72 14.38
N VAL B 38 -21.43 -11.31 13.21
CA VAL B 38 -20.66 -11.43 11.93
C VAL B 38 -20.42 -10.01 11.42
N GLN B 39 -19.19 -9.72 11.03
CA GLN B 39 -18.78 -8.45 10.36
C GLN B 39 -19.01 -8.54 8.85
N ALA B 40 -19.63 -7.52 8.26
CA ALA B 40 -19.62 -7.30 6.79
C ALA B 40 -18.18 -7.26 6.25
N ASN B 41 -18.02 -7.76 5.02
CA ASN B 41 -16.77 -7.98 4.21
C ASN B 41 -15.72 -8.67 5.07
N SER B 42 -16.10 -9.68 5.84
CA SER B 42 -15.13 -10.47 6.61
C SER B 42 -15.10 -11.83 5.95
N PRO B 43 -14.12 -12.72 6.26
CA PRO B 43 -14.18 -14.10 5.79
C PRO B 43 -15.46 -14.78 6.27
N ALA B 44 -15.90 -14.47 7.51
CA ALA B 44 -17.11 -15.06 8.08
C ALA B 44 -18.32 -14.73 7.19
N SER B 45 -18.56 -13.48 6.87
CA SER B 45 -19.71 -13.08 6.00
C SER B 45 -19.59 -13.82 4.65
N LEU B 46 -18.45 -13.70 3.97
CA LEU B 46 -18.27 -14.31 2.61
C LEU B 46 -18.58 -15.82 2.65
N VAL B 47 -18.14 -16.55 3.69
CA VAL B 47 -18.40 -18.03 3.70
C VAL B 47 -19.86 -18.30 4.06
N GLY B 48 -20.64 -17.27 4.37
CA GLY B 48 -22.08 -17.40 4.61
C GLY B 48 -22.41 -17.64 6.09
N LEU B 49 -21.46 -17.43 7.03
CA LEU B 49 -21.83 -17.56 8.47
C LEU B 49 -22.84 -16.49 8.82
N ARG B 50 -23.77 -16.80 9.74
CA ARG B 50 -24.89 -15.91 10.14
C ARG B 50 -25.09 -15.92 11.67
N PHE B 51 -25.40 -14.73 12.21
CA PHE B 51 -25.88 -14.54 13.58
C PHE B 51 -26.85 -15.70 13.92
N GLY B 52 -26.60 -16.37 14.99
CA GLY B 52 -27.47 -17.49 15.44
C GLY B 52 -26.96 -18.86 15.03
N ASP B 53 -25.94 -19.01 14.15
CA ASP B 53 -25.36 -20.30 13.72
C ASP B 53 -24.69 -20.92 14.95
N GLN B 54 -24.90 -22.21 15.12
CA GLN B 54 -24.23 -22.97 16.16
C GLN B 54 -22.92 -23.48 15.59
N VAL B 55 -21.86 -23.37 16.36
CA VAL B 55 -20.56 -23.96 15.95
C VAL B 55 -20.29 -25.24 16.74
N LEU B 56 -20.32 -26.38 16.04
CA LEU B 56 -20.18 -27.76 16.61
C LEU B 56 -18.70 -28.07 16.77
N GLN B 57 -17.93 -27.68 15.80
CA GLN B 57 -16.48 -27.99 15.79
C GLN B 57 -15.72 -26.85 15.11
N ILE B 58 -14.52 -26.64 15.61
CA ILE B 58 -13.45 -25.79 14.96
C ILE B 58 -12.25 -26.70 14.77
N ASN B 59 -11.89 -26.87 13.48
CA ASN B 59 -10.70 -27.64 13.02
C ASN B 59 -10.80 -29.02 13.66
N GLY B 60 -12.01 -29.61 13.70
CA GLY B 60 -12.20 -30.99 14.16
C GLY B 60 -12.37 -31.11 15.67
N GLU B 61 -12.22 -30.03 16.43
CA GLU B 61 -12.41 -30.01 17.90
C GLU B 61 -13.86 -29.64 18.27
N ASN B 62 -14.48 -30.44 19.13
CA ASN B 62 -15.83 -30.15 19.64
C ASN B 62 -15.81 -28.87 20.48
N CYS B 63 -16.77 -28.01 20.25
CA CYS B 63 -17.04 -26.77 20.99
C CYS B 63 -17.86 -26.99 22.26
N ALA B 64 -18.47 -28.17 22.41
CA ALA B 64 -19.35 -28.50 23.55
C ALA B 64 -18.68 -28.12 24.88
N GLY B 65 -19.35 -27.29 25.68
CA GLY B 65 -18.91 -26.90 27.03
C GLY B 65 -17.90 -25.77 26.98
N TRP B 66 -17.38 -25.40 25.81
CA TRP B 66 -16.39 -24.28 25.70
C TRP B 66 -17.01 -23.00 26.26
N SER B 67 -16.22 -22.20 27.00
CA SER B 67 -16.56 -20.78 27.33
C SER B 67 -16.44 -19.92 26.07
N SER B 68 -17.00 -18.71 26.10
CA SER B 68 -16.86 -17.69 25.03
C SER B 68 -15.38 -17.31 24.91
N ASP B 69 -14.72 -17.21 26.06
CA ASP B 69 -13.27 -16.90 26.18
C ASP B 69 -12.45 -17.99 25.51
N LYS B 70 -12.74 -19.26 25.79
CA LYS B 70 -12.00 -20.38 25.17
C LYS B 70 -12.24 -20.36 23.64
N ALA B 71 -13.46 -20.15 23.19
CA ALA B 71 -13.74 -20.15 21.75
C ALA B 71 -12.88 -19.03 21.07
N HIS B 72 -12.91 -17.84 21.61
CA HIS B 72 -12.08 -16.71 21.08
C HIS B 72 -10.61 -17.09 21.07
N LYS B 73 -10.16 -17.80 22.08
CA LYS B 73 -8.73 -18.14 22.23
C LYS B 73 -8.34 -19.16 21.17
N VAL B 74 -9.22 -20.11 20.89
CA VAL B 74 -8.95 -21.12 19.84
C VAL B 74 -8.84 -20.46 18.46
N LEU B 75 -9.73 -19.53 18.12
CA LEU B 75 -9.69 -18.81 16.83
C LEU B 75 -8.42 -17.92 16.83
N LYS B 76 -8.20 -17.18 17.92
CA LYS B 76 -6.99 -16.31 18.07
C LYS B 76 -5.72 -17.15 17.82
N GLN B 77 -5.75 -18.48 18.05
CA GLN B 77 -4.58 -19.41 17.93
C GLN B 77 -4.60 -20.23 16.64
N ALA B 78 -5.62 -20.12 15.79
CA ALA B 78 -5.68 -20.94 14.56
C ALA B 78 -4.72 -20.40 13.49
N PHE B 79 -3.93 -21.25 12.83
CA PHE B 79 -3.20 -20.85 11.60
C PHE B 79 -4.28 -20.31 10.65
N GLY B 80 -4.05 -19.15 10.06
CA GLY B 80 -5.15 -18.46 9.35
C GLY B 80 -5.45 -19.00 7.97
N GLU B 81 -4.78 -20.07 7.49
CA GLU B 81 -4.81 -20.47 6.06
C GLU B 81 -6.14 -21.14 5.71
N LYS B 82 -6.53 -22.10 6.54
CA LYS B 82 -7.76 -22.90 6.34
C LYS B 82 -8.25 -23.31 7.73
N ILE B 83 -9.34 -22.68 8.16
CA ILE B 83 -10.04 -22.99 9.43
C ILE B 83 -11.32 -23.70 9.00
N THR B 84 -11.55 -24.90 9.54
CA THR B 84 -12.78 -25.67 9.22
C THR B 84 -13.71 -25.41 10.41
N MET B 85 -14.97 -25.15 10.11
CA MET B 85 -16.04 -25.19 11.12
C MET B 85 -17.16 -26.10 10.66
N THR B 86 -17.72 -26.82 11.63
CA THR B 86 -18.98 -27.53 11.46
C THR B 86 -20.07 -26.72 12.13
N ILE B 87 -21.07 -26.37 11.33
CA ILE B 87 -22.18 -25.44 11.67
C ILE B 87 -23.53 -26.18 11.68
N ARG B 88 -24.42 -25.77 12.59
CA ARG B 88 -25.87 -26.00 12.44
C ARG B 88 -26.54 -24.65 12.18
N ASP B 89 -27.23 -24.54 11.04
CA ASP B 89 -27.86 -23.33 10.55
C ASP B 89 -28.89 -22.77 11.54
N ARG B 90 -28.59 -21.60 12.13
CA ARG B 90 -29.53 -20.78 12.93
C ARG B 90 -30.54 -21.68 13.71
N PRO B 91 -30.12 -22.57 14.65
CA PRO B 91 -30.99 -23.56 15.25
C PRO B 91 -32.11 -22.95 16.13
N PHE B 92 -31.93 -21.73 16.65
CA PHE B 92 -32.91 -21.07 17.52
C PHE B 92 -33.97 -20.32 16.73
N GLU B 93 -33.82 -20.33 15.41
CA GLU B 93 -34.56 -19.43 14.53
C GLU B 93 -35.46 -20.17 13.59
N ARG B 94 -36.50 -19.48 13.12
CA ARG B 94 -37.37 -20.05 12.08
C ARG B 94 -37.75 -19.01 11.10
N THR B 95 -38.22 -19.43 9.93
CA THR B 95 -38.66 -18.47 8.87
C THR B 95 -40.14 -18.57 8.66
N ILE B 96 -40.72 -17.41 8.52
CA ILE B 96 -42.16 -17.27 8.23
C ILE B 96 -42.22 -16.47 6.93
N THR B 97 -43.01 -16.96 5.99
CA THR B 97 -43.27 -16.27 4.71
C THR B 97 -44.70 -15.73 4.72
N MET B 98 -44.80 -14.49 4.28
CA MET B 98 -46.02 -13.66 4.25
C MET B 98 -46.18 -12.93 2.91
N HIS B 99 -47.42 -12.58 2.58
CA HIS B 99 -47.77 -11.84 1.35
C HIS B 99 -48.28 -10.46 1.76
N LYS B 100 -47.59 -9.39 1.34
CA LYS B 100 -48.10 -8.03 1.65
C LYS B 100 -49.51 -7.95 1.08
N ASP B 101 -50.41 -7.31 1.77
CA ASP B 101 -51.77 -7.14 1.22
C ASP B 101 -51.74 -5.87 0.37
N SER B 102 -52.85 -5.41 -0.15
CA SER B 102 -52.84 -4.34 -1.18
C SER B 102 -52.42 -3.01 -0.54
N THR B 103 -52.40 -2.90 0.80
CA THR B 103 -51.91 -1.70 1.52
C THR B 103 -50.38 -1.80 1.65
N GLY B 104 -49.80 -2.96 1.32
CA GLY B 104 -48.35 -3.23 1.49
C GLY B 104 -47.99 -3.62 2.93
N HIS B 105 -48.96 -4.14 3.68
CA HIS B 105 -48.78 -4.63 5.06
C HIS B 105 -48.80 -6.15 5.10
N VAL B 106 -47.95 -6.72 5.94
CA VAL B 106 -48.04 -8.17 6.23
C VAL B 106 -48.84 -8.47 7.51
N GLY B 107 -48.90 -7.53 8.47
CA GLY B 107 -49.86 -7.48 9.58
C GLY B 107 -49.23 -7.59 10.97
N PHE B 108 -48.17 -6.89 11.30
CA PHE B 108 -47.68 -6.95 12.69
C PHE B 108 -47.19 -5.58 13.13
N ILE B 109 -47.02 -5.51 14.44
CA ILE B 109 -46.41 -4.34 15.13
C ILE B 109 -45.19 -4.91 15.85
N PHE B 110 -44.15 -4.08 15.94
CA PHE B 110 -42.87 -4.43 16.57
C PHE B 110 -42.25 -3.21 17.21
N LYS B 111 -41.42 -3.44 18.23
CA LYS B 111 -40.72 -2.35 18.95
C LYS B 111 -39.37 -2.89 19.37
N ASN B 112 -38.33 -2.15 19.04
CA ASN B 112 -36.90 -2.50 19.23
C ASN B 112 -36.64 -3.87 18.59
N GLY B 113 -37.06 -4.10 17.35
CA GLY B 113 -36.90 -5.43 16.69
C GLY B 113 -37.86 -6.54 17.17
N LYS B 114 -38.63 -6.39 18.26
CA LYS B 114 -39.47 -7.47 18.82
C LYS B 114 -40.91 -7.30 18.37
N ILE B 115 -41.47 -8.36 17.79
CA ILE B 115 -42.89 -8.46 17.38
C ILE B 115 -43.77 -8.39 18.65
N THR B 116 -44.71 -7.44 18.70
CA THR B 116 -45.51 -7.15 19.92
C THR B 116 -46.97 -7.44 19.65
N SER B 117 -47.41 -7.45 18.42
CA SER B 117 -48.86 -7.59 18.18
C SER B 117 -49.06 -8.19 16.79
N ILE B 118 -50.01 -9.11 16.61
CA ILE B 118 -50.37 -9.65 15.27
C ILE B 118 -51.73 -9.05 14.91
N VAL B 119 -51.83 -8.44 13.72
CA VAL B 119 -53.06 -7.78 13.21
C VAL B 119 -54.03 -8.88 12.77
N LYS B 120 -55.28 -8.74 13.22
CA LYS B 120 -56.44 -9.58 12.83
C LYS B 120 -56.53 -9.70 11.31
N ASP B 121 -56.77 -10.91 10.79
CA ASP B 121 -57.10 -11.15 9.35
C ASP B 121 -55.97 -10.75 8.38
N SER B 122 -54.72 -10.70 8.85
CA SER B 122 -53.50 -10.43 8.05
C SER B 122 -52.80 -11.71 7.56
N SER B 123 -51.81 -11.50 6.67
CA SER B 123 -50.89 -12.58 6.26
C SER B 123 -50.13 -13.08 7.51
N ALA B 124 -49.72 -12.19 8.41
CA ALA B 124 -48.97 -12.55 9.65
C ALA B 124 -49.85 -13.48 10.49
N ALA B 125 -51.15 -13.25 10.54
CA ALA B 125 -52.11 -14.11 11.27
C ALA B 125 -52.24 -15.48 10.60
N ARG B 126 -52.53 -15.48 9.31
CA ARG B 126 -52.67 -16.68 8.46
C ARG B 126 -51.43 -17.56 8.63
N ASN B 127 -50.25 -16.95 8.70
CA ASN B 127 -48.98 -17.71 8.70
C ASN B 127 -48.46 -18.00 10.12
N GLY B 128 -49.20 -17.65 11.18
CA GLY B 128 -48.87 -17.99 12.58
C GLY B 128 -47.61 -17.28 13.08
N LEU B 129 -47.36 -16.00 12.68
CA LEU B 129 -46.31 -15.14 13.27
C LEU B 129 -46.59 -15.03 14.77
N LEU B 130 -45.53 -15.01 15.54
CA LEU B 130 -45.68 -15.00 17.01
C LEU B 130 -45.09 -13.70 17.57
N THR B 131 -45.60 -13.31 18.75
CA THR B 131 -45.12 -12.13 19.51
C THR B 131 -43.94 -12.60 20.34
N GLU B 132 -43.28 -11.68 21.04
CA GLU B 132 -42.17 -11.99 21.97
C GLU B 132 -41.07 -12.74 21.15
N HIS B 133 -40.94 -12.38 19.87
CA HIS B 133 -39.92 -12.88 18.93
C HIS B 133 -39.20 -11.66 18.30
N ASN B 134 -37.91 -11.66 18.41
CA ASN B 134 -36.95 -10.76 17.73
C ASN B 134 -36.86 -11.07 16.23
N ILE B 135 -36.96 -10.04 15.45
CA ILE B 135 -36.71 -10.10 14.01
C ILE B 135 -35.22 -10.13 13.78
N CYS B 136 -34.65 -11.23 13.28
CA CYS B 136 -33.20 -11.42 12.98
C CYS B 136 -32.89 -11.06 11.51
N GLU B 137 -33.76 -11.45 10.57
CA GLU B 137 -33.53 -11.26 9.16
C GLU B 137 -34.85 -10.90 8.49
N ILE B 138 -34.71 -10.20 7.37
CA ILE B 138 -35.85 -10.00 6.42
C ILE B 138 -35.42 -10.41 5.02
N ASN B 139 -36.12 -11.37 4.40
CA ASN B 139 -35.62 -12.02 3.16
C ASN B 139 -34.11 -12.39 3.26
N GLY B 140 -33.62 -12.90 4.37
CA GLY B 140 -32.22 -13.39 4.51
C GLY B 140 -31.20 -12.33 4.93
N GLN B 141 -31.57 -11.07 4.87
CA GLN B 141 -30.72 -9.92 5.26
C GLN B 141 -30.84 -9.69 6.78
N ASN B 142 -29.72 -9.84 7.44
CA ASN B 142 -29.53 -9.53 8.87
C ASN B 142 -29.93 -8.06 9.15
N VAL B 143 -30.91 -7.81 10.04
CA VAL B 143 -31.37 -6.45 10.44
C VAL B 143 -31.10 -6.22 11.92
N ILE B 144 -30.26 -7.06 12.51
CA ILE B 144 -29.97 -6.96 13.95
C ILE B 144 -29.14 -5.70 14.20
N GLY B 145 -29.64 -4.87 15.12
CA GLY B 145 -29.11 -3.55 15.52
C GLY B 145 -29.56 -2.38 14.63
N LEU B 146 -30.36 -2.60 13.60
CA LEU B 146 -31.01 -1.51 12.88
C LEU B 146 -32.17 -0.91 13.69
N LYS B 147 -32.47 0.34 13.36
CA LYS B 147 -33.58 1.08 14.04
C LYS B 147 -34.86 0.53 13.44
N ASP B 148 -35.95 0.64 14.20
CA ASP B 148 -37.29 0.18 13.77
C ASP B 148 -37.61 0.81 12.41
N SER B 149 -37.23 2.07 12.21
CA SER B 149 -37.54 2.83 10.97
C SER B 149 -36.90 2.12 9.78
N GLN B 150 -35.67 1.65 9.99
CA GLN B 150 -34.83 0.97 8.96
C GLN B 150 -35.41 -0.40 8.63
N ILE B 151 -35.80 -1.16 9.64
CA ILE B 151 -36.48 -2.47 9.45
C ILE B 151 -37.75 -2.15 8.64
N ALA B 152 -38.50 -1.12 9.01
CA ALA B 152 -39.79 -0.83 8.33
C ALA B 152 -39.49 -0.49 6.86
N ASP B 153 -38.52 0.36 6.58
CA ASP B 153 -38.00 0.68 5.20
C ASP B 153 -37.71 -0.59 4.39
N ILE B 154 -36.89 -1.51 4.93
CA ILE B 154 -36.55 -2.80 4.29
C ILE B 154 -37.81 -3.61 3.98
N LEU B 155 -38.78 -3.74 4.91
CA LEU B 155 -40.05 -4.40 4.57
C LEU B 155 -40.71 -3.71 3.37
N SER B 156 -40.80 -2.38 3.37
CA SER B 156 -41.58 -1.60 2.36
C SER B 156 -40.98 -1.86 0.98
N THR B 157 -39.66 -1.95 0.90
CA THR B 157 -38.93 -2.16 -0.37
C THR B 157 -38.76 -3.65 -0.63
N SER B 158 -39.24 -4.55 0.22
CA SER B 158 -39.34 -5.95 -0.20
C SER B 158 -40.43 -5.98 -1.27
N GLY B 159 -40.50 -7.04 -2.05
CA GLY B 159 -41.66 -7.31 -2.92
C GLY B 159 -42.89 -7.62 -2.10
N THR B 160 -43.92 -8.16 -2.73
CA THR B 160 -45.14 -8.73 -2.09
C THR B 160 -44.77 -9.89 -1.16
N VAL B 161 -43.84 -10.74 -1.56
CA VAL B 161 -43.57 -11.97 -0.79
C VAL B 161 -42.38 -11.66 0.14
N VAL B 162 -42.65 -11.70 1.42
CA VAL B 162 -41.69 -11.27 2.47
C VAL B 162 -41.41 -12.47 3.37
N THR B 163 -40.15 -12.83 3.60
CA THR B 163 -39.80 -13.86 4.60
C THR B 163 -39.13 -13.19 5.78
N ILE B 164 -39.61 -13.47 6.99
CA ILE B 164 -38.94 -12.97 8.22
C ILE B 164 -38.31 -14.14 8.95
N THR B 165 -37.10 -13.92 9.47
CA THR B 165 -36.45 -14.93 10.35
C THR B 165 -36.62 -14.45 11.78
N ILE B 166 -37.19 -15.30 12.65
CA ILE B 166 -37.47 -14.89 14.07
C ILE B 166 -36.77 -15.83 15.04
N MET B 167 -36.46 -15.28 16.20
CA MET B 167 -35.91 -16.02 17.34
C MET B 167 -36.72 -15.64 18.59
N PRO B 168 -37.03 -16.57 19.49
CA PRO B 168 -37.69 -16.22 20.79
C PRO B 168 -36.89 -15.20 21.62
N ALA B 169 -37.59 -14.15 22.06
CA ALA B 169 -36.93 -12.94 22.63
C ALA B 169 -35.92 -13.30 23.73
N PHE B 170 -36.26 -14.28 24.59
N PHE B 170 -36.30 -14.21 24.63
CA PHE B 170 -35.46 -14.70 25.79
CA PHE B 170 -35.47 -14.67 25.79
C PHE B 170 -34.16 -15.41 25.36
C PHE B 170 -34.14 -15.20 25.25
N ILE B 171 -34.15 -15.94 24.13
CA ILE B 171 -32.92 -16.52 23.56
C ILE B 171 -32.13 -15.38 22.93
N PHE B 172 -32.79 -14.56 22.13
CA PHE B 172 -32.10 -13.43 21.50
C PHE B 172 -31.35 -12.61 22.56
N GLU B 173 -31.98 -12.27 23.66
CA GLU B 173 -31.39 -11.43 24.74
C GLU B 173 -30.19 -12.15 25.41
N HIS B 174 -30.20 -13.46 25.53
CA HIS B 174 -29.05 -14.28 26.07
C HIS B 174 -27.89 -14.28 25.08
N ILE B 175 -28.16 -14.34 23.76
CA ILE B 175 -27.09 -14.44 22.72
C ILE B 175 -26.30 -13.11 22.62
N ILE B 176 -27.00 -11.99 22.74
CA ILE B 176 -26.38 -10.65 22.61
C ILE B 176 -25.74 -10.19 23.94
N LYS B 177 -25.84 -10.93 25.05
CA LYS B 177 -25.11 -10.59 26.30
C LYS B 177 -23.60 -10.59 26.06
N ARG B 178 -22.89 -9.79 26.86
CA ARG B 178 -21.41 -9.64 26.85
C ARG B 178 -21.01 -9.09 25.48
N MET B 179 -21.81 -8.20 24.89
CA MET B 179 -21.41 -7.46 23.67
C MET B 179 -21.99 -6.05 23.77
N ALA B 180 -21.12 -5.03 23.78
CA ALA B 180 -21.51 -3.61 23.80
C ALA B 180 -22.49 -3.36 22.67
N PRO B 181 -23.65 -2.73 22.92
CA PRO B 181 -24.63 -2.48 21.86
C PRO B 181 -24.16 -1.55 20.74
N SER B 182 -23.16 -0.70 21.01
CA SER B 182 -22.54 0.17 20.01
C SER B 182 -21.78 -0.70 19.01
N ILE B 183 -21.10 -1.76 19.49
CA ILE B 183 -20.39 -2.77 18.61
C ILE B 183 -21.46 -3.47 17.74
N MET B 184 -22.50 -4.00 18.39
CA MET B 184 -23.58 -4.74 17.68
C MET B 184 -24.15 -3.81 16.60
N LYS B 185 -24.39 -2.54 16.89
CA LYS B 185 -24.98 -1.62 15.88
C LYS B 185 -23.94 -1.30 14.80
N SER B 186 -22.67 -1.20 15.11
CA SER B 186 -21.72 -0.61 14.13
C SER B 186 -21.07 -1.71 13.29
N LEU B 187 -20.93 -2.95 13.81
CA LEU B 187 -20.15 -4.00 13.12
C LEU B 187 -21.04 -5.08 12.47
N MET B 188 -22.31 -5.22 12.85
CA MET B 188 -23.19 -6.34 12.37
C MET B 188 -23.34 -6.29 10.84
N ASP B 189 -23.05 -7.40 10.21
CA ASP B 189 -23.26 -7.65 8.77
C ASP B 189 -24.72 -7.40 8.43
N HIS B 190 -25.00 -6.56 7.45
CA HIS B 190 -26.33 -6.36 6.87
C HIS B 190 -26.23 -6.56 5.35
N THR B 191 -25.28 -7.35 4.89
CA THR B 191 -25.09 -7.70 3.43
C THR B 191 -26.37 -8.32 2.89
N ILE B 192 -26.84 -7.92 1.72
CA ILE B 192 -27.97 -8.56 1.02
C ILE B 192 -27.48 -9.91 0.51
N PRO B 193 -28.20 -11.03 0.74
CA PRO B 193 -27.74 -12.34 0.31
C PRO B 193 -27.49 -12.38 -1.22
N GLU B 194 -26.39 -12.99 -1.58
CA GLU B 194 -25.99 -13.13 -3.00
C GLU B 194 -26.23 -14.58 -3.41
N VAL B 195 -26.25 -14.82 -4.72
CA VAL B 195 -26.14 -16.17 -5.31
C VAL B 195 -24.79 -16.24 -6.06
N ALA C 3 29.23 -4.85 -9.53
CA ALA C 3 28.14 -4.59 -8.56
C ALA C 3 28.11 -5.66 -7.44
N GLU C 4 28.48 -6.91 -7.78
CA GLU C 4 28.36 -8.15 -6.95
C GLU C 4 28.75 -7.91 -5.48
N ILE C 5 27.83 -8.12 -4.55
CA ILE C 5 28.13 -7.87 -3.09
C ILE C 5 28.89 -9.09 -2.48
N LYS C 6 30.12 -8.84 -2.02
CA LYS C 6 31.01 -9.84 -1.35
C LYS C 6 30.43 -10.26 0.02
N GLN C 7 30.34 -11.58 0.23
CA GLN C 7 30.00 -12.22 1.53
C GLN C 7 31.26 -12.24 2.41
N GLY C 8 31.12 -12.44 3.73
CA GLY C 8 32.28 -12.55 4.64
C GLY C 8 32.94 -11.19 4.89
N ILE C 9 34.08 -11.21 5.56
CA ILE C 9 34.80 -10.02 6.05
C ILE C 9 36.11 -9.89 5.25
N ARG C 10 36.45 -8.69 4.79
CA ARG C 10 37.70 -8.45 4.01
C ARG C 10 38.55 -7.40 4.69
N GLU C 11 39.86 -7.46 4.51
CA GLU C 11 40.81 -6.47 5.10
C GLU C 11 41.28 -5.53 3.97
N VAL C 12 41.37 -4.23 4.25
CA VAL C 12 41.99 -3.23 3.34
C VAL C 12 43.14 -2.60 4.11
N ILE C 13 44.13 -2.10 3.37
CA ILE C 13 45.34 -1.40 3.89
C ILE C 13 45.38 -0.08 3.12
N LEU C 14 45.46 1.03 3.84
CA LEU C 14 45.42 2.39 3.23
C LEU C 14 46.58 3.21 3.76
N CYS C 15 46.85 4.28 3.03
CA CYS C 15 47.80 5.34 3.38
C CYS C 15 47.10 6.66 3.17
N LYS C 16 47.30 7.57 4.12
CA LYS C 16 46.84 8.97 4.07
C LYS C 16 47.41 9.62 2.80
N ASP C 17 46.65 10.51 2.17
CA ASP C 17 47.22 11.26 1.03
C ASP C 17 48.08 12.41 1.56
N GLN C 18 48.48 13.28 0.67
CA GLN C 18 49.42 14.35 1.06
C GLN C 18 48.72 15.40 1.92
N ASP C 19 47.39 15.31 2.09
CA ASP C 19 46.62 16.24 2.98
C ASP C 19 46.25 15.56 4.30
N GLY C 20 46.91 14.45 4.66
CA GLY C 20 46.62 13.56 5.80
C GLY C 20 45.24 12.92 5.73
N LYS C 21 44.62 12.83 4.54
CA LYS C 21 43.22 12.33 4.41
C LYS C 21 43.23 10.92 3.84
N ILE C 22 42.19 10.13 4.12
CA ILE C 22 41.88 8.87 3.38
C ILE C 22 40.62 9.03 2.52
N GLY C 23 39.79 10.06 2.75
CA GLY C 23 38.61 10.38 1.93
C GLY C 23 37.36 9.65 2.40
N LEU C 24 37.09 9.59 3.72
CA LEU C 24 35.91 8.91 4.31
C LEU C 24 35.10 9.78 5.29
N ARG C 25 33.80 9.56 5.32
CA ARG C 25 32.91 9.98 6.43
C ARG C 25 32.17 8.76 6.94
N LEU C 26 32.13 8.59 8.25
CA LEU C 26 31.63 7.36 8.90
C LEU C 26 30.47 7.78 9.78
N LYS C 27 29.58 6.81 10.04
CA LYS C 27 28.25 7.04 10.59
C LYS C 27 27.98 5.89 11.53
N SER C 28 27.62 6.18 12.81
CA SER C 28 27.20 5.10 13.73
C SER C 28 25.78 4.69 13.36
N ILE C 29 25.55 3.40 13.12
CA ILE C 29 24.22 2.81 12.84
C ILE C 29 24.13 1.51 13.62
N ASP C 30 23.16 1.41 14.52
CA ASP C 30 22.77 0.14 15.16
C ASP C 30 24.01 -0.44 15.84
N ASN C 31 24.79 0.42 16.47
CA ASN C 31 26.04 0.10 17.20
C ASN C 31 27.09 -0.48 16.28
N GLY C 32 26.96 -0.26 14.96
CA GLY C 32 28.11 -0.40 14.04
C GLY C 32 28.59 0.93 13.48
N ILE C 33 29.65 0.83 12.69
CA ILE C 33 30.17 1.96 11.91
C ILE C 33 30.03 1.64 10.41
N PHE C 34 29.45 2.60 9.69
CA PHE C 34 29.20 2.56 8.21
C PHE C 34 29.83 3.75 7.50
N VAL C 35 30.21 3.52 6.25
CA VAL C 35 30.77 4.54 5.32
C VAL C 35 29.55 5.31 4.84
N GLN C 36 29.39 6.60 5.13
CA GLN C 36 28.28 7.40 4.58
C GLN C 36 28.81 8.23 3.40
N LEU C 37 30.12 8.30 3.23
CA LEU C 37 30.74 9.05 2.08
C LEU C 37 32.14 8.51 1.83
N VAL C 38 32.41 8.26 0.55
CA VAL C 38 33.75 7.99 -0.02
C VAL C 38 34.00 9.10 -1.06
N GLN C 39 35.15 9.79 -0.94
CA GLN C 39 35.51 10.82 -1.95
C GLN C 39 36.22 10.20 -3.16
N ALA C 40 35.80 10.66 -4.34
CA ALA C 40 36.45 10.30 -5.63
C ALA C 40 37.97 10.50 -5.52
N ASN C 41 38.75 9.57 -6.07
N ASN C 41 38.71 9.60 -6.19
CA ASN C 41 40.22 9.68 -6.22
CA ASN C 41 40.21 9.41 -6.20
C ASN C 41 40.94 9.34 -4.91
C ASN C 41 40.81 9.79 -4.86
N SER C 42 40.23 9.26 -3.78
CA SER C 42 40.86 9.24 -2.44
C SER C 42 41.53 7.90 -2.21
N PRO C 43 42.42 7.74 -1.21
CA PRO C 43 42.88 6.41 -0.83
C PRO C 43 41.76 5.38 -0.59
N ALA C 44 40.65 5.79 0.02
CA ALA C 44 39.54 4.88 0.34
C ALA C 44 38.94 4.38 -0.99
N SER C 45 38.67 5.29 -1.93
CA SER C 45 38.11 4.93 -3.26
C SER C 45 39.08 3.98 -3.94
N LEU C 46 40.34 4.39 -4.03
CA LEU C 46 41.40 3.60 -4.71
C LEU C 46 41.48 2.18 -4.11
N VAL C 47 41.25 1.95 -2.81
CA VAL C 47 41.35 0.56 -2.25
C VAL C 47 40.02 -0.20 -2.36
N GLY C 48 38.96 0.42 -2.89
CA GLY C 48 37.68 -0.25 -3.18
C GLY C 48 36.64 -0.08 -2.08
N LEU C 49 36.76 0.90 -1.18
CA LEU C 49 35.70 1.20 -0.21
C LEU C 49 34.53 1.88 -0.91
N ARG C 50 33.33 1.54 -0.44
CA ARG C 50 32.04 1.98 -0.96
C ARG C 50 31.16 2.46 0.15
N PHE C 51 30.31 3.41 -0.26
CA PHE C 51 29.11 3.83 0.44
C PHE C 51 28.44 2.57 0.98
N GLY C 52 28.08 2.62 2.26
CA GLY C 52 27.30 1.55 2.91
C GLY C 52 28.16 0.41 3.43
N ASP C 53 29.47 0.37 3.16
CA ASP C 53 30.35 -0.66 3.76
C ASP C 53 30.36 -0.51 5.30
N GLN C 54 30.48 -1.61 5.99
CA GLN C 54 30.60 -1.69 7.46
C GLN C 54 32.04 -1.87 7.88
N VAL C 55 32.46 -1.02 8.81
CA VAL C 55 33.84 -1.07 9.37
C VAL C 55 33.77 -1.81 10.72
N LEU C 56 34.23 -3.05 10.73
CA LEU C 56 34.26 -3.94 11.94
C LEU C 56 35.43 -3.52 12.86
N GLN C 57 36.60 -3.27 12.28
CA GLN C 57 37.87 -2.98 13.00
C GLN C 57 38.64 -1.89 12.26
N ILE C 58 39.38 -1.11 13.02
CA ILE C 58 40.38 -0.13 12.52
C ILE C 58 41.66 -0.42 13.29
N ASN C 59 42.70 -0.79 12.56
CA ASN C 59 44.04 -1.16 13.10
C ASN C 59 43.84 -2.19 14.22
N GLY C 60 42.90 -3.13 14.05
CA GLY C 60 42.70 -4.27 14.97
C GLY C 60 41.77 -3.95 16.12
N GLU C 61 41.27 -2.73 16.24
CA GLU C 61 40.38 -2.30 17.35
C GLU C 61 38.92 -2.44 16.85
N ASN C 62 38.06 -3.08 17.61
CA ASN C 62 36.62 -3.25 17.26
C ASN C 62 35.92 -1.88 17.20
N CYS C 63 35.16 -1.65 16.15
CA CYS C 63 34.38 -0.39 16.01
C CYS C 63 33.04 -0.47 16.79
N ALA C 64 32.61 -1.64 17.25
CA ALA C 64 31.28 -1.86 17.90
C ALA C 64 31.05 -0.79 18.99
N GLY C 65 29.96 -0.04 18.84
CA GLY C 65 29.47 0.92 19.84
C GLY C 65 30.11 2.30 19.65
N TRP C 66 31.03 2.47 18.70
CA TRP C 66 31.76 3.77 18.58
C TRP C 66 30.76 4.82 18.08
N SER C 67 30.85 6.07 18.57
CA SER C 67 30.20 7.24 17.93
C SER C 67 30.93 7.44 16.59
N SER C 68 30.30 8.06 15.60
CA SER C 68 30.91 8.71 14.43
C SER C 68 32.14 9.55 14.83
N ASP C 69 31.99 10.36 15.87
CA ASP C 69 33.06 11.29 16.36
C ASP C 69 34.27 10.45 16.73
N LYS C 70 34.05 9.41 17.51
CA LYS C 70 35.14 8.56 17.98
C LYS C 70 35.85 7.91 16.79
N ALA C 71 35.12 7.35 15.82
CA ALA C 71 35.74 6.73 14.61
C ALA C 71 36.65 7.71 13.85
N HIS C 72 36.19 8.96 13.68
CA HIS C 72 36.87 10.09 12.98
C HIS C 72 38.12 10.43 13.78
N LYS C 73 38.02 10.44 15.10
CA LYS C 73 39.14 10.83 15.97
C LYS C 73 40.23 9.76 15.91
N VAL C 74 39.86 8.47 15.97
CA VAL C 74 40.83 7.35 15.79
C VAL C 74 41.54 7.44 14.42
N LEU C 75 40.80 7.74 13.37
CA LEU C 75 41.46 7.76 12.03
C LEU C 75 42.33 9.02 11.92
N LYS C 76 41.81 10.14 12.41
CA LYS C 76 42.52 11.46 12.43
C LYS C 76 43.88 11.24 13.12
N GLN C 77 43.95 10.45 14.23
CA GLN C 77 45.18 10.17 15.04
C GLN C 77 46.13 9.09 14.50
N ALA C 78 45.76 8.37 13.42
CA ALA C 78 46.52 7.20 12.90
C ALA C 78 47.64 7.67 11.96
N PHE C 79 48.88 7.23 12.18
CA PHE C 79 50.07 7.73 11.43
C PHE C 79 51.23 6.73 11.42
N GLY C 80 51.00 5.45 11.73
CA GLY C 80 52.00 4.40 11.57
C GLY C 80 52.57 4.38 10.15
N GLU C 81 52.75 3.17 9.58
CA GLU C 81 53.25 2.99 8.18
C GLU C 81 52.11 2.51 7.28
N LYS C 82 50.86 2.70 7.71
CA LYS C 82 49.64 2.30 6.96
C LYS C 82 48.47 2.17 7.94
N ILE C 83 47.24 2.10 7.41
CA ILE C 83 46.01 1.88 8.23
C ILE C 83 45.37 0.59 7.71
N THR C 84 44.95 -0.29 8.61
CA THR C 84 44.22 -1.54 8.28
C THR C 84 42.77 -1.40 8.74
N MET C 85 41.83 -1.85 7.92
CA MET C 85 40.37 -1.85 8.22
C MET C 85 39.83 -3.22 7.80
N THR C 86 39.04 -3.82 8.69
CA THR C 86 38.24 -5.02 8.42
C THR C 86 36.83 -4.55 8.06
N ILE C 87 36.34 -4.95 6.90
CA ILE C 87 35.10 -4.44 6.25
C ILE C 87 34.10 -5.57 6.02
N ARG C 88 32.80 -5.27 6.12
CA ARG C 88 31.76 -6.11 5.50
C ARG C 88 31.24 -5.28 4.36
N ASP C 89 31.14 -5.91 3.22
CA ASP C 89 30.77 -5.31 1.91
C ASP C 89 29.29 -5.01 1.90
N ARG C 90 28.96 -3.72 1.76
CA ARG C 90 27.59 -3.15 1.61
C ARG C 90 26.50 -4.00 2.28
N PRO C 91 26.54 -4.33 3.59
CA PRO C 91 25.63 -5.34 4.14
C PRO C 91 24.12 -5.00 4.25
N PHE C 92 23.72 -3.72 4.09
CA PHE C 92 22.31 -3.27 3.98
C PHE C 92 21.77 -3.28 2.55
N GLU C 93 22.60 -3.67 1.57
CA GLU C 93 22.27 -3.52 0.19
C GLU C 93 22.16 -4.87 -0.46
N ARG C 94 21.41 -4.88 -1.56
N ARG C 94 21.42 -4.90 -1.58
CA ARG C 94 21.29 -6.04 -2.47
CA ARG C 94 21.27 -6.09 -2.44
C ARG C 94 21.42 -5.56 -3.92
C ARG C 94 21.24 -5.64 -3.91
N THR C 95 21.77 -6.49 -4.79
CA THR C 95 21.84 -6.25 -6.27
C THR C 95 20.70 -7.04 -6.91
N ILE C 96 20.02 -6.35 -7.79
CA ILE C 96 18.94 -6.93 -8.64
C ILE C 96 19.35 -6.73 -10.10
N THR C 97 19.38 -7.81 -10.87
CA THR C 97 19.66 -7.73 -12.32
C THR C 97 18.41 -7.92 -13.17
N MET C 98 18.27 -7.03 -14.12
CA MET C 98 17.09 -6.85 -14.96
C MET C 98 17.56 -6.70 -16.42
N HIS C 99 16.63 -7.01 -17.32
CA HIS C 99 16.78 -7.01 -18.79
C HIS C 99 15.76 -6.01 -19.36
N LYS C 100 16.24 -4.98 -20.01
CA LYS C 100 15.38 -3.99 -20.72
C LYS C 100 14.49 -4.69 -21.77
N ASP C 101 13.27 -4.21 -21.96
CA ASP C 101 12.40 -4.75 -23.04
C ASP C 101 12.82 -4.21 -24.41
N SER C 102 12.18 -4.77 -25.44
CA SER C 102 12.27 -4.37 -26.87
C SER C 102 12.32 -2.84 -27.00
N THR C 103 11.71 -2.07 -26.10
CA THR C 103 11.67 -0.59 -26.23
C THR C 103 12.54 0.12 -25.16
N GLY C 104 13.46 -0.57 -24.48
CA GLY C 104 14.45 0.13 -23.62
C GLY C 104 13.89 0.46 -22.24
N HIS C 105 12.87 -0.25 -21.78
CA HIS C 105 12.28 -0.05 -20.41
C HIS C 105 12.82 -1.11 -19.46
N VAL C 106 13.23 -0.72 -18.24
CA VAL C 106 13.62 -1.69 -17.16
C VAL C 106 12.38 -2.20 -16.40
N GLY C 107 11.42 -1.28 -16.18
CA GLY C 107 10.12 -1.56 -15.54
C GLY C 107 9.95 -0.87 -14.20
N PHE C 108 10.52 0.31 -13.95
CA PHE C 108 10.29 0.98 -12.64
C PHE C 108 10.35 2.49 -12.81
N ILE C 109 9.71 3.15 -11.86
CA ILE C 109 9.68 4.61 -11.68
C ILE C 109 10.44 4.89 -10.38
N PHE C 110 11.22 5.96 -10.32
CA PHE C 110 11.84 6.46 -9.08
C PHE C 110 11.69 8.00 -8.93
N LYS C 111 11.89 8.49 -7.71
CA LYS C 111 11.74 9.93 -7.34
C LYS C 111 12.71 10.17 -6.21
N ASN C 112 13.61 11.11 -6.37
CA ASN C 112 14.72 11.39 -5.43
C ASN C 112 15.56 10.10 -5.21
N GLY C 113 15.83 9.28 -6.23
CA GLY C 113 16.69 8.08 -6.10
C GLY C 113 15.91 6.87 -5.55
N LYS C 114 14.67 7.05 -5.11
CA LYS C 114 13.87 6.02 -4.41
C LYS C 114 12.87 5.38 -5.34
N ILE C 115 12.85 4.05 -5.40
CA ILE C 115 11.93 3.36 -6.35
C ILE C 115 10.53 3.59 -5.80
N THR C 116 9.61 4.00 -6.67
CA THR C 116 8.24 4.39 -6.24
C THR C 116 7.18 3.46 -6.82
N SER C 117 7.43 2.84 -7.96
CA SER C 117 6.48 1.94 -8.61
C SER C 117 7.23 0.97 -9.49
N ILE C 118 6.68 -0.25 -9.54
CA ILE C 118 7.14 -1.35 -10.41
C ILE C 118 6.08 -1.56 -11.46
N VAL C 119 6.54 -1.76 -12.69
CA VAL C 119 5.64 -1.90 -13.86
C VAL C 119 5.24 -3.38 -13.97
N LYS C 120 3.93 -3.60 -14.08
CA LYS C 120 3.36 -4.98 -14.18
C LYS C 120 4.01 -5.66 -15.39
N ASP C 121 4.48 -6.90 -15.20
CA ASP C 121 5.02 -7.77 -16.28
C ASP C 121 6.22 -7.08 -16.92
N SER C 122 7.06 -6.49 -16.09
CA SER C 122 8.38 -5.94 -16.50
C SER C 122 9.47 -6.90 -15.99
N SER C 123 10.71 -6.65 -16.42
CA SER C 123 11.89 -7.41 -15.90
C SER C 123 12.03 -7.11 -14.41
N ALA C 124 11.78 -5.87 -14.02
CA ALA C 124 11.77 -5.42 -12.60
C ALA C 124 10.76 -6.30 -11.84
N ALA C 125 9.51 -6.36 -12.29
CA ALA C 125 8.47 -7.19 -11.63
C ALA C 125 8.97 -8.65 -11.48
N ARG C 126 9.50 -9.29 -12.54
CA ARG C 126 9.92 -10.72 -12.61
C ARG C 126 11.10 -10.96 -11.68
N ASN C 127 11.96 -9.97 -11.50
CA ASN C 127 13.11 -10.10 -10.57
C ASN C 127 12.76 -9.60 -9.18
N GLY C 128 11.51 -9.22 -8.90
CA GLY C 128 11.12 -8.80 -7.54
C GLY C 128 11.80 -7.52 -7.08
N LEU C 129 12.01 -6.55 -7.97
CA LEU C 129 12.45 -5.22 -7.52
C LEU C 129 11.37 -4.72 -6.58
N LEU C 130 11.76 -3.96 -5.57
CA LEU C 130 10.93 -3.49 -4.45
C LEU C 130 10.86 -1.96 -4.48
N THR C 131 9.70 -1.43 -4.10
CA THR C 131 9.54 0.00 -3.75
C THR C 131 10.08 0.28 -2.36
N GLU C 132 10.04 1.53 -1.95
CA GLU C 132 10.64 1.99 -0.65
C GLU C 132 12.13 1.57 -0.55
N HIS C 133 12.85 1.53 -1.66
CA HIS C 133 14.29 1.23 -1.78
C HIS C 133 15.02 2.35 -2.56
N ASN C 134 16.13 2.81 -2.03
CA ASN C 134 17.04 3.80 -2.62
C ASN C 134 18.05 3.08 -3.51
N ILE C 135 18.10 3.58 -4.71
CA ILE C 135 19.13 3.21 -5.72
C ILE C 135 20.43 3.76 -5.20
N CYS C 136 21.34 2.87 -4.83
CA CYS C 136 22.71 3.23 -4.40
C CYS C 136 23.69 3.16 -5.60
N GLU C 137 23.54 2.19 -6.52
CA GLU C 137 24.54 1.96 -7.58
C GLU C 137 23.74 1.42 -8.78
N ILE C 138 24.31 1.67 -9.97
CA ILE C 138 23.89 1.14 -11.30
C ILE C 138 25.13 0.59 -11.99
N ASN C 139 25.19 -0.72 -12.22
CA ASN C 139 26.32 -1.44 -12.87
C ASN C 139 27.60 -1.20 -12.07
N GLY C 140 27.48 -1.09 -10.75
CA GLY C 140 28.59 -0.92 -9.79
C GLY C 140 28.98 0.54 -9.61
N GLN C 141 28.32 1.49 -10.27
CA GLN C 141 28.68 2.91 -10.16
C GLN C 141 27.79 3.54 -9.08
N ASN C 142 28.43 4.18 -8.09
CA ASN C 142 27.78 4.97 -7.02
C ASN C 142 27.03 6.13 -7.72
N VAL C 143 25.70 6.26 -7.47
CA VAL C 143 24.89 7.39 -8.00
C VAL C 143 24.31 8.21 -6.81
N ILE C 144 24.85 8.07 -5.61
CA ILE C 144 24.31 8.81 -4.43
C ILE C 144 24.64 10.30 -4.53
N GLY C 145 23.61 11.13 -4.48
CA GLY C 145 23.70 12.60 -4.63
C GLY C 145 23.48 13.05 -6.05
N LEU C 146 23.33 12.17 -7.05
CA LEU C 146 22.98 12.61 -8.42
C LEU C 146 21.51 12.99 -8.52
N LYS C 147 21.19 13.96 -9.38
CA LYS C 147 19.78 14.31 -9.73
C LYS C 147 19.10 13.10 -10.35
N ASP C 148 17.77 12.99 -10.23
CA ASP C 148 17.00 11.94 -10.95
C ASP C 148 17.33 11.99 -12.45
N SER C 149 17.58 13.17 -13.05
CA SER C 149 17.85 13.26 -14.51
C SER C 149 19.19 12.59 -14.82
N GLN C 150 20.17 12.65 -13.92
CA GLN C 150 21.48 12.04 -14.18
C GLN C 150 21.36 10.51 -14.02
N ILE C 151 20.57 10.08 -13.04
CA ILE C 151 20.42 8.63 -12.77
C ILE C 151 19.74 8.06 -14.03
N ALA C 152 18.74 8.75 -14.58
CA ALA C 152 17.96 8.30 -15.75
C ALA C 152 18.85 8.19 -16.99
N ASP C 153 19.72 9.17 -17.17
CA ASP C 153 20.71 9.25 -18.27
C ASP C 153 21.67 8.05 -18.11
N ILE C 154 22.11 7.68 -16.89
CA ILE C 154 22.96 6.45 -16.68
C ILE C 154 22.23 5.17 -17.09
N LEU C 155 21.03 5.02 -16.55
CA LEU C 155 20.10 3.92 -16.86
C LEU C 155 20.01 3.77 -18.40
N SER C 156 19.76 4.86 -19.15
CA SER C 156 19.46 4.82 -20.61
C SER C 156 20.69 4.35 -21.37
N THR C 157 21.87 4.77 -20.94
CA THR C 157 23.18 4.34 -21.54
C THR C 157 23.75 3.12 -20.81
N SER C 158 23.04 2.50 -19.88
CA SER C 158 23.41 1.08 -19.68
C SER C 158 22.91 0.31 -20.91
N GLY C 159 23.46 -0.84 -21.13
CA GLY C 159 22.92 -1.71 -22.20
C GLY C 159 21.60 -2.31 -21.76
N THR C 160 21.27 -3.42 -22.37
CA THR C 160 19.97 -4.10 -22.15
C THR C 160 20.02 -4.79 -20.77
N VAL C 161 21.18 -5.23 -20.29
CA VAL C 161 21.26 -5.86 -18.94
C VAL C 161 21.78 -4.84 -17.94
N VAL C 162 20.99 -4.58 -16.90
CA VAL C 162 21.16 -3.47 -15.92
C VAL C 162 21.11 -4.11 -14.52
N THR C 163 22.14 -3.91 -13.72
CA THR C 163 22.17 -4.33 -12.31
C THR C 163 22.04 -3.07 -11.45
N ILE C 164 21.06 -3.07 -10.57
CA ILE C 164 20.85 -1.99 -9.59
C ILE C 164 21.23 -2.51 -8.21
N THR C 165 21.98 -1.73 -7.49
CA THR C 165 22.20 -2.00 -6.04
C THR C 165 21.22 -1.14 -5.29
N ILE C 166 20.47 -1.74 -4.40
CA ILE C 166 19.37 -1.07 -3.64
C ILE C 166 19.55 -1.24 -2.14
N MET C 167 18.98 -0.27 -1.40
CA MET C 167 19.02 -0.20 0.07
C MET C 167 17.62 0.14 0.56
N PRO C 168 17.10 -0.50 1.63
CA PRO C 168 15.78 -0.07 2.15
C PRO C 168 15.81 1.43 2.49
N ALA C 169 14.81 2.22 2.02
CA ALA C 169 14.80 3.70 2.16
C ALA C 169 15.11 4.15 3.61
N PHE C 170 14.54 3.48 4.60
N PHE C 170 14.49 3.52 4.60
CA PHE C 170 14.58 3.89 6.03
CA PHE C 170 14.59 3.94 6.02
C PHE C 170 16.00 3.71 6.61
C PHE C 170 16.06 3.86 6.46
N ILE C 171 16.78 2.81 6.00
CA ILE C 171 18.24 2.60 6.35
C ILE C 171 19.05 3.69 5.60
N PHE C 172 18.84 3.86 4.30
CA PHE C 172 19.48 4.93 3.52
C PHE C 172 19.40 6.33 4.22
N GLU C 173 18.19 6.73 4.57
CA GLU C 173 17.89 8.02 5.27
C GLU C 173 18.65 8.08 6.58
N HIS C 174 18.77 6.98 7.31
CA HIS C 174 19.58 6.95 8.56
C HIS C 174 21.06 7.16 8.22
N ILE C 175 21.59 6.43 7.23
CA ILE C 175 23.03 6.52 6.87
C ILE C 175 23.36 7.94 6.41
N ILE C 176 22.51 8.63 5.64
CA ILE C 176 22.92 9.96 5.10
C ILE C 176 22.63 11.10 6.09
N LYS C 177 22.11 10.81 7.31
CA LYS C 177 22.01 11.82 8.40
C LYS C 177 23.38 12.36 8.76
N ARG C 178 23.47 13.65 9.13
CA ARG C 178 24.70 14.15 9.76
C ARG C 178 25.66 14.48 8.62
N MET C 179 25.08 14.78 7.45
CA MET C 179 25.83 15.16 6.22
C MET C 179 24.94 16.13 5.45
N ALA C 180 25.48 17.26 4.99
CA ALA C 180 24.73 18.30 4.25
C ALA C 180 24.55 17.78 2.85
N PRO C 181 23.32 17.82 2.27
CA PRO C 181 23.11 17.41 0.87
C PRO C 181 24.15 17.99 -0.10
N SER C 182 24.55 19.25 0.14
CA SER C 182 25.54 20.01 -0.66
C SER C 182 26.91 19.31 -0.68
N ILE C 183 27.40 18.84 0.48
CA ILE C 183 28.71 18.15 0.63
C ILE C 183 28.64 16.77 -0.04
N MET C 184 27.56 16.05 0.22
CA MET C 184 27.34 14.72 -0.39
C MET C 184 27.48 14.83 -1.92
N LYS C 185 26.78 15.80 -2.53
CA LYS C 185 26.75 15.98 -4.01
C LYS C 185 28.17 16.30 -4.51
N SER C 186 28.86 17.27 -3.90
CA SER C 186 30.21 17.71 -4.34
C SER C 186 31.27 16.61 -4.21
N LEU C 187 31.28 15.77 -3.19
CA LEU C 187 32.49 14.96 -2.84
C LEU C 187 32.27 13.45 -3.11
N MET C 188 31.05 13.00 -3.25
CA MET C 188 30.79 11.53 -3.31
C MET C 188 31.43 10.95 -4.59
N ASP C 189 32.17 9.86 -4.44
CA ASP C 189 32.77 8.98 -5.47
C ASP C 189 31.70 8.46 -6.45
N HIS C 190 31.80 8.83 -7.73
CA HIS C 190 30.98 8.32 -8.83
C HIS C 190 31.85 7.69 -9.90
N THR C 191 33.06 7.29 -9.53
CA THR C 191 34.13 6.84 -10.45
C THR C 191 33.83 5.40 -10.92
N ILE C 192 34.24 5.11 -12.15
CA ILE C 192 34.16 3.77 -12.76
C ILE C 192 35.59 3.25 -12.69
N PRO C 193 35.89 2.36 -11.77
CA PRO C 193 37.29 2.01 -11.53
C PRO C 193 37.96 1.33 -12.74
N GLU C 194 37.39 0.22 -13.21
CA GLU C 194 37.82 -0.43 -14.48
C GLU C 194 36.61 -0.43 -15.41
N VAL C 195 36.91 -0.39 -16.71
CA VAL C 195 35.89 -0.49 -17.77
C VAL C 195 36.19 -1.82 -18.47
N ILE D 5 -5.44 27.88 -29.93
CA ILE D 5 -6.45 28.99 -29.79
C ILE D 5 -6.66 29.62 -31.17
N LYS D 6 -7.90 29.69 -31.64
CA LYS D 6 -8.24 30.16 -33.01
C LYS D 6 -8.38 31.69 -32.97
N GLN D 7 -7.79 32.41 -33.91
CA GLN D 7 -7.91 33.90 -34.00
C GLN D 7 -9.23 34.22 -34.70
N GLY D 8 -9.66 35.49 -34.65
CA GLY D 8 -10.93 35.94 -35.23
C GLY D 8 -12.12 35.38 -34.45
N ILE D 9 -13.29 35.50 -35.07
CA ILE D 9 -14.61 35.34 -34.44
C ILE D 9 -15.31 34.17 -35.11
N ARG D 10 -15.89 33.26 -34.32
CA ARG D 10 -16.71 32.16 -34.86
C ARG D 10 -18.15 32.34 -34.33
N GLU D 11 -19.12 31.89 -35.09
CA GLU D 11 -20.53 31.88 -34.63
C GLU D 11 -20.85 30.45 -34.22
N VAL D 12 -21.46 30.28 -33.05
CA VAL D 12 -22.09 29.00 -32.65
C VAL D 12 -23.61 29.21 -32.60
N ILE D 13 -24.32 28.11 -32.69
CA ILE D 13 -25.80 28.03 -32.78
C ILE D 13 -26.16 26.82 -31.94
N LEU D 14 -27.00 26.98 -30.92
CA LEU D 14 -27.33 25.85 -30.02
C LEU D 14 -28.78 25.97 -29.55
N CYS D 15 -29.26 24.92 -28.89
CA CYS D 15 -30.68 24.78 -28.43
C CYS D 15 -30.62 24.48 -26.93
N LYS D 16 -31.53 25.08 -26.17
CA LYS D 16 -31.67 24.88 -24.70
C LYS D 16 -31.98 23.39 -24.46
N ASP D 17 -31.54 22.83 -23.34
CA ASP D 17 -31.86 21.43 -23.00
C ASP D 17 -33.28 21.36 -22.39
N GLN D 18 -33.73 20.22 -21.88
CA GLN D 18 -35.15 20.10 -21.44
C GLN D 18 -35.39 20.98 -20.20
N ASP D 19 -34.31 21.35 -19.47
CA ASP D 19 -34.41 22.22 -18.27
C ASP D 19 -34.48 23.70 -18.69
N GLY D 20 -34.46 24.01 -20.00
CA GLY D 20 -34.37 25.37 -20.54
C GLY D 20 -32.99 25.98 -20.30
N LYS D 21 -31.97 25.14 -20.13
CA LYS D 21 -30.58 25.54 -19.85
C LYS D 21 -29.67 25.36 -21.07
N ILE D 22 -28.69 26.23 -21.19
CA ILE D 22 -27.61 26.02 -22.19
C ILE D 22 -26.35 25.53 -21.51
N GLY D 23 -26.06 25.83 -20.24
CA GLY D 23 -24.92 25.25 -19.47
C GLY D 23 -23.75 26.25 -19.30
N LEU D 24 -24.05 27.52 -18.95
CA LEU D 24 -23.09 28.66 -18.97
C LEU D 24 -23.22 29.54 -17.71
N ARG D 25 -22.07 30.06 -17.30
CA ARG D 25 -22.00 31.20 -16.38
C ARG D 25 -21.16 32.23 -17.11
N LEU D 26 -21.64 33.48 -17.09
CA LEU D 26 -20.91 34.61 -17.71
C LEU D 26 -20.49 35.69 -16.74
N LYS D 27 -19.40 36.40 -17.10
CA LYS D 27 -18.76 37.38 -16.23
C LYS D 27 -18.46 38.59 -17.09
N SER D 28 -18.86 39.77 -16.59
CA SER D 28 -18.49 41.10 -17.14
C SER D 28 -17.05 41.38 -16.80
N ILE D 29 -16.20 41.51 -17.80
CA ILE D 29 -14.78 41.92 -17.66
C ILE D 29 -14.45 43.00 -18.70
N ASP D 30 -13.97 44.17 -18.26
CA ASP D 30 -13.46 45.24 -19.15
C ASP D 30 -14.49 45.55 -20.22
N ASN D 31 -15.80 45.62 -19.89
CA ASN D 31 -16.92 45.96 -20.85
C ASN D 31 -17.09 44.90 -21.93
N GLY D 32 -16.59 43.69 -21.64
CA GLY D 32 -16.90 42.50 -22.40
C GLY D 32 -17.60 41.44 -21.55
N ILE D 33 -18.05 40.40 -22.23
CA ILE D 33 -18.69 39.24 -21.58
C ILE D 33 -17.88 37.98 -21.87
N PHE D 34 -17.51 37.32 -20.79
CA PHE D 34 -16.61 36.15 -20.79
C PHE D 34 -17.31 34.95 -20.15
N VAL D 35 -16.96 33.79 -20.59
CA VAL D 35 -17.47 32.47 -20.08
C VAL D 35 -16.70 32.20 -18.82
N GLN D 36 -17.39 32.12 -17.69
CA GLN D 36 -16.77 31.74 -16.39
C GLN D 36 -16.90 30.23 -16.12
N LEU D 37 -17.89 29.61 -16.74
CA LEU D 37 -18.23 28.18 -16.49
C LEU D 37 -18.90 27.67 -17.77
N VAL D 38 -18.51 26.46 -18.17
CA VAL D 38 -19.21 25.61 -19.14
C VAL D 38 -19.54 24.32 -18.41
N GLN D 39 -20.81 23.97 -18.47
CA GLN D 39 -21.29 22.73 -17.83
C GLN D 39 -20.99 21.55 -18.77
N ALA D 40 -20.42 20.52 -18.16
CA ALA D 40 -20.19 19.19 -18.74
C ALA D 40 -21.52 18.64 -19.24
N ASN D 41 -21.52 18.28 -20.53
CA ASN D 41 -22.51 17.46 -21.27
C ASN D 41 -23.69 18.39 -21.52
N SER D 42 -23.45 19.68 -21.35
CA SER D 42 -24.47 20.73 -21.58
C SER D 42 -24.50 20.96 -23.06
N PRO D 43 -25.51 21.69 -23.58
CA PRO D 43 -25.41 22.24 -24.93
C PRO D 43 -24.18 23.12 -25.27
N ALA D 44 -23.84 24.04 -24.37
CA ALA D 44 -22.58 24.81 -24.52
C ALA D 44 -21.36 23.86 -24.62
N SER D 45 -21.16 22.86 -23.77
CA SER D 45 -19.99 21.95 -23.95
C SER D 45 -20.00 21.32 -25.36
N LEU D 46 -21.17 20.91 -25.86
CA LEU D 46 -21.39 20.16 -27.13
C LEU D 46 -21.08 21.01 -28.34
N VAL D 47 -21.32 22.33 -28.33
CA VAL D 47 -20.92 23.16 -29.50
C VAL D 47 -19.46 23.69 -29.39
N GLY D 48 -18.69 23.38 -28.35
CA GLY D 48 -17.26 23.75 -28.22
C GLY D 48 -17.03 25.09 -27.53
N LEU D 49 -17.95 25.52 -26.66
CA LEU D 49 -17.72 26.70 -25.80
C LEU D 49 -16.75 26.26 -24.70
N ARG D 50 -15.84 27.15 -24.30
CA ARG D 50 -14.75 26.96 -23.32
C ARG D 50 -14.65 28.16 -22.36
N PHE D 51 -14.41 27.84 -21.05
CA PHE D 51 -14.02 28.82 -20.02
C PHE D 51 -13.05 29.82 -20.69
N GLY D 52 -13.37 31.08 -20.57
CA GLY D 52 -12.47 32.20 -21.00
C GLY D 52 -12.84 32.67 -22.38
N ASP D 53 -13.76 32.01 -23.07
CA ASP D 53 -14.29 32.47 -24.36
C ASP D 53 -14.99 33.81 -24.13
N GLN D 54 -14.91 34.69 -25.09
CA GLN D 54 -15.61 36.00 -25.09
C GLN D 54 -16.85 35.93 -25.96
N VAL D 55 -17.98 36.37 -25.43
CA VAL D 55 -19.27 36.42 -26.17
C VAL D 55 -19.42 37.84 -26.73
N LEU D 56 -19.22 37.98 -28.03
CA LEU D 56 -19.40 39.28 -28.77
C LEU D 56 -20.88 39.60 -28.98
N GLN D 57 -21.65 38.63 -29.42
CA GLN D 57 -23.11 38.79 -29.63
C GLN D 57 -23.85 37.58 -29.10
N ILE D 58 -25.11 37.82 -28.79
CA ILE D 58 -26.15 36.75 -28.60
C ILE D 58 -27.36 37.13 -29.45
N ASN D 59 -27.77 36.24 -30.36
CA ASN D 59 -28.92 36.47 -31.26
C ASN D 59 -28.74 37.76 -32.04
N GLY D 60 -27.50 38.09 -32.38
CA GLY D 60 -27.14 39.26 -33.19
C GLY D 60 -27.02 40.56 -32.39
N GLU D 61 -27.13 40.58 -31.06
CA GLU D 61 -27.09 41.81 -30.25
C GLU D 61 -25.71 41.85 -29.58
N ASN D 62 -25.09 43.02 -29.57
CA ASN D 62 -23.74 43.23 -29.00
C ASN D 62 -23.86 43.03 -27.49
N CYS D 63 -22.90 42.33 -26.90
CA CYS D 63 -22.86 42.10 -25.43
C CYS D 63 -22.06 43.24 -24.79
N ALA D 64 -21.36 44.07 -25.58
CA ALA D 64 -20.48 45.15 -25.10
C ALA D 64 -21.18 46.02 -24.06
N GLY D 65 -20.59 46.06 -22.86
CA GLY D 65 -20.97 46.88 -21.71
C GLY D 65 -22.08 46.25 -20.90
N TRP D 66 -22.58 45.08 -21.28
CA TRP D 66 -23.59 44.32 -20.51
C TRP D 66 -22.99 43.93 -19.15
N SER D 67 -23.77 44.13 -18.09
CA SER D 67 -23.56 43.46 -16.78
C SER D 67 -23.65 41.95 -16.99
N SER D 68 -23.04 41.14 -16.12
CA SER D 68 -23.29 39.68 -15.99
C SER D 68 -24.78 39.37 -15.88
N ASP D 69 -25.49 40.12 -15.00
CA ASP D 69 -26.97 40.10 -14.80
C ASP D 69 -27.71 40.18 -16.12
N LYS D 70 -27.39 41.21 -16.91
CA LYS D 70 -28.09 41.44 -18.21
C LYS D 70 -27.83 40.25 -19.14
N ALA D 71 -26.58 39.76 -19.20
CA ALA D 71 -26.23 38.70 -20.18
C ALA D 71 -27.01 37.46 -19.80
N HIS D 72 -27.01 37.08 -18.52
CA HIS D 72 -27.77 35.93 -17.99
C HIS D 72 -29.26 36.05 -18.34
N LYS D 73 -29.81 37.23 -18.16
CA LYS D 73 -31.23 37.53 -18.39
C LYS D 73 -31.57 37.31 -19.85
N VAL D 74 -30.77 37.88 -20.73
CA VAL D 74 -30.92 37.76 -22.20
C VAL D 74 -30.89 36.25 -22.53
N LEU D 75 -30.01 35.47 -21.92
CA LEU D 75 -29.90 34.02 -22.26
C LEU D 75 -31.13 33.30 -21.76
N LYS D 76 -31.52 33.53 -20.51
CA LYS D 76 -32.77 32.99 -19.91
C LYS D 76 -33.99 33.40 -20.74
N GLN D 77 -34.10 34.64 -21.20
CA GLN D 77 -35.33 35.05 -21.95
C GLN D 77 -35.33 34.55 -23.40
N ALA D 78 -34.24 33.95 -23.90
CA ALA D 78 -34.06 33.58 -25.33
C ALA D 78 -35.00 32.42 -25.69
N PHE D 79 -35.74 32.55 -26.80
CA PHE D 79 -36.45 31.40 -27.42
C PHE D 79 -35.42 30.29 -27.64
N GLY D 80 -35.65 29.12 -27.05
CA GLY D 80 -34.60 28.10 -26.85
C GLY D 80 -34.36 27.25 -28.11
N GLU D 81 -35.24 27.38 -29.10
CA GLU D 81 -35.22 26.55 -30.34
C GLU D 81 -33.83 26.65 -30.99
N LYS D 82 -33.35 27.88 -31.18
CA LYS D 82 -32.10 28.23 -31.86
C LYS D 82 -31.53 29.48 -31.19
N ILE D 83 -30.37 29.38 -30.55
CA ILE D 83 -29.68 30.59 -30.03
C ILE D 83 -28.34 30.65 -30.77
N THR D 84 -28.01 31.84 -31.19
CA THR D 84 -26.82 32.27 -31.96
C THR D 84 -25.91 32.97 -30.94
N MET D 85 -24.63 32.67 -30.96
CA MET D 85 -23.59 33.41 -30.21
C MET D 85 -22.36 33.54 -31.10
N THR D 86 -21.80 34.74 -31.13
CA THR D 86 -20.57 35.06 -31.84
C THR D 86 -19.53 35.12 -30.71
N ILE D 87 -18.39 34.45 -30.91
CA ILE D 87 -17.43 34.01 -29.87
C ILE D 87 -15.99 34.31 -30.33
N ARG D 88 -15.18 34.87 -29.46
CA ARG D 88 -13.70 34.92 -29.61
C ARG D 88 -13.13 33.78 -28.77
N ASP D 89 -12.17 33.05 -29.34
CA ASP D 89 -11.51 31.90 -28.63
C ASP D 89 -10.62 32.46 -27.52
N ARG D 90 -10.90 32.09 -26.27
CA ARG D 90 -9.97 32.23 -25.10
C ARG D 90 -9.04 33.44 -25.21
N PRO D 91 -9.52 34.68 -25.36
CA PRO D 91 -8.62 35.76 -25.71
C PRO D 91 -7.66 36.16 -24.61
N PHE D 92 -7.94 35.85 -23.34
CA PHE D 92 -7.01 36.15 -22.23
C PHE D 92 -5.93 35.09 -22.08
N GLU D 93 -5.97 34.04 -22.89
CA GLU D 93 -5.16 32.83 -22.66
C GLU D 93 -4.16 32.65 -23.79
N ARG D 94 -3.10 31.90 -23.53
CA ARG D 94 -2.16 31.40 -24.56
C ARG D 94 -1.74 29.97 -24.24
N THR D 95 -1.30 29.29 -25.28
CA THR D 95 -0.78 27.91 -25.22
C THR D 95 0.72 27.94 -25.28
N ILE D 96 1.34 27.23 -24.34
CA ILE D 96 2.79 26.90 -24.32
C ILE D 96 2.96 25.37 -24.48
N THR D 97 3.76 24.96 -25.48
CA THR D 97 4.09 23.55 -25.77
C THR D 97 5.48 23.20 -25.24
N MET D 98 5.50 22.16 -24.45
CA MET D 98 6.73 21.65 -23.81
C MET D 98 6.91 20.15 -24.09
N HIS D 99 8.11 19.62 -23.80
CA HIS D 99 8.53 18.22 -23.99
C HIS D 99 9.04 17.72 -22.65
N LYS D 100 8.47 16.61 -22.17
CA LYS D 100 8.92 16.03 -20.90
C LYS D 100 10.37 15.59 -21.05
N ASP D 101 11.12 15.79 -20.01
CA ASP D 101 12.49 15.29 -19.94
C ASP D 101 12.48 13.77 -19.67
N SER D 102 13.67 13.23 -19.47
CA SER D 102 13.95 11.79 -19.20
C SER D 102 13.18 11.31 -17.96
N THR D 103 12.86 12.20 -17.00
CA THR D 103 12.14 11.83 -15.76
C THR D 103 10.62 12.14 -15.80
N GLY D 104 10.10 12.59 -16.95
CA GLY D 104 8.67 12.88 -17.15
C GLY D 104 8.27 14.27 -16.76
N HIS D 105 9.21 15.21 -16.58
CA HIS D 105 8.93 16.59 -16.12
C HIS D 105 9.19 17.60 -17.22
N VAL D 106 8.37 18.63 -17.21
CA VAL D 106 8.56 19.77 -18.14
C VAL D 106 9.27 20.94 -17.46
N GLY D 107 9.35 21.01 -16.14
CA GLY D 107 10.19 21.97 -15.41
C GLY D 107 9.46 23.16 -14.77
N PHE D 108 8.38 22.97 -14.02
CA PHE D 108 7.81 24.08 -13.21
C PHE D 108 7.12 23.60 -11.93
N ILE D 109 6.94 24.54 -11.00
CA ILE D 109 6.22 24.31 -9.73
C ILE D 109 4.94 25.11 -9.83
N PHE D 110 3.86 24.56 -9.32
CA PHE D 110 2.63 25.35 -9.17
C PHE D 110 1.96 25.05 -7.84
N LYS D 111 1.02 25.92 -7.51
CA LYS D 111 0.27 25.89 -6.23
C LYS D 111 -1.08 26.56 -6.48
N ASN D 112 -2.15 25.87 -6.15
CA ASN D 112 -3.55 26.33 -6.35
C ASN D 112 -3.70 26.56 -7.85
N GLY D 113 -3.02 25.78 -8.69
CA GLY D 113 -3.21 25.99 -10.14
C GLY D 113 -2.31 27.09 -10.73
N LYS D 114 -1.61 27.90 -9.91
CA LYS D 114 -0.84 29.08 -10.34
C LYS D 114 0.64 28.70 -10.41
N ILE D 115 1.30 28.96 -11.53
CA ILE D 115 2.74 28.63 -11.73
C ILE D 115 3.56 29.59 -10.85
N THR D 116 4.44 29.06 -10.01
CA THR D 116 5.21 29.81 -9.01
C THR D 116 6.69 29.70 -9.31
N SER D 117 7.19 28.69 -10.00
CA SER D 117 8.63 28.74 -10.35
C SER D 117 8.89 27.91 -11.61
N ILE D 118 9.96 28.27 -12.30
CA ILE D 118 10.43 27.67 -13.57
C ILE D 118 11.77 27.05 -13.26
N VAL D 119 11.91 25.79 -13.56
CA VAL D 119 13.19 25.07 -13.41
C VAL D 119 14.22 25.56 -14.46
N LYS D 120 15.42 25.90 -13.95
CA LYS D 120 16.65 26.17 -14.76
C LYS D 120 16.80 25.09 -15.85
N ASP D 121 16.89 25.55 -17.10
CA ASP D 121 17.31 24.73 -18.26
C ASP D 121 16.29 23.58 -18.48
N SER D 122 15.03 23.79 -18.13
CA SER D 122 13.87 22.93 -18.49
C SER D 122 13.25 23.31 -19.83
N SER D 123 12.38 22.42 -20.31
CA SER D 123 11.46 22.66 -21.45
C SER D 123 10.61 23.89 -21.12
N ALA D 124 10.04 24.01 -19.91
CA ALA D 124 9.29 25.22 -19.43
C ALA D 124 10.15 26.48 -19.65
N ALA D 125 11.41 26.47 -19.25
CA ALA D 125 12.35 27.62 -19.44
C ALA D 125 12.59 27.90 -20.93
N ARG D 126 12.87 26.88 -21.74
CA ARG D 126 13.20 27.02 -23.18
C ARG D 126 12.00 27.61 -23.90
N ASN D 127 10.79 27.24 -23.45
CA ASN D 127 9.56 27.68 -24.15
C ASN D 127 8.96 28.95 -23.52
N GLY D 128 9.59 29.52 -22.50
CA GLY D 128 9.19 30.77 -21.80
C GLY D 128 7.88 30.74 -21.06
N LEU D 129 7.60 29.63 -20.40
CA LEU D 129 6.55 29.61 -19.38
C LEU D 129 6.77 30.69 -18.33
N LEU D 130 5.67 31.30 -17.91
CA LEU D 130 5.69 32.43 -16.94
C LEU D 130 5.10 32.06 -15.62
N THR D 131 5.58 32.72 -14.58
CA THR D 131 4.98 32.66 -13.24
C THR D 131 3.80 33.59 -13.19
N GLU D 132 3.09 33.56 -12.07
CA GLU D 132 1.91 34.44 -11.87
C GLU D 132 0.89 34.23 -13.03
N HIS D 133 0.79 33.01 -13.50
CA HIS D 133 -0.15 32.56 -14.55
C HIS D 133 -0.89 31.33 -14.02
N ASN D 134 -2.18 31.27 -14.25
CA ASN D 134 -3.03 30.14 -13.82
C ASN D 134 -3.09 29.15 -15.00
N ILE D 135 -3.04 27.89 -14.67
CA ILE D 135 -3.28 26.78 -15.66
C ILE D 135 -4.78 26.61 -15.95
N CYS D 136 -5.25 26.89 -17.17
CA CYS D 136 -6.67 26.78 -17.52
C CYS D 136 -6.88 25.38 -18.09
N GLU D 137 -5.90 24.92 -18.89
CA GLU D 137 -6.06 23.66 -19.66
C GLU D 137 -4.73 22.93 -19.76
N ILE D 138 -4.84 21.59 -19.97
CA ILE D 138 -3.70 20.69 -20.26
C ILE D 138 -4.11 19.82 -21.43
N ASN D 139 -3.41 19.98 -22.55
CA ASN D 139 -3.79 19.35 -23.83
C ASN D 139 -5.23 19.67 -24.21
N GLY D 140 -5.71 20.86 -23.92
CA GLY D 140 -7.07 21.33 -24.26
C GLY D 140 -8.16 20.87 -23.30
N GLN D 141 -7.84 20.09 -22.25
CA GLN D 141 -8.77 19.71 -21.19
C GLN D 141 -8.79 20.80 -20.10
N ASN D 142 -9.97 21.29 -19.82
CA ASN D 142 -10.24 22.24 -18.71
C ASN D 142 -9.86 21.61 -17.38
N VAL D 143 -8.98 22.26 -16.63
CA VAL D 143 -8.57 21.83 -15.26
C VAL D 143 -9.00 22.83 -14.19
N ILE D 144 -9.92 23.72 -14.49
CA ILE D 144 -10.35 24.79 -13.55
C ILE D 144 -11.19 24.22 -12.42
N GLY D 145 -10.68 24.43 -11.20
CA GLY D 145 -11.30 23.95 -9.94
C GLY D 145 -10.88 22.56 -9.55
N LEU D 146 -9.91 21.95 -10.27
CA LEU D 146 -9.33 20.67 -9.88
C LEU D 146 -8.27 20.90 -8.81
N LYS D 147 -8.06 19.91 -7.97
CA LYS D 147 -6.98 19.91 -6.96
C LYS D 147 -5.61 19.85 -7.64
N ASP D 148 -4.57 20.33 -6.96
CA ASP D 148 -3.20 20.37 -7.54
C ASP D 148 -2.79 18.92 -7.80
N SER D 149 -3.20 17.96 -6.93
CA SER D 149 -2.95 16.51 -7.15
C SER D 149 -3.55 16.07 -8.49
N GLN D 150 -4.72 16.55 -8.85
CA GLN D 150 -5.41 16.06 -10.07
C GLN D 150 -4.69 16.66 -11.30
N ILE D 151 -4.31 17.94 -11.23
CA ILE D 151 -3.56 18.69 -12.26
C ILE D 151 -2.24 17.97 -12.50
N ALA D 152 -1.52 17.59 -11.42
CA ALA D 152 -0.29 16.78 -11.46
C ALA D 152 -0.51 15.45 -12.20
N ASP D 153 -1.60 14.74 -11.88
N ASP D 153 -1.63 14.76 -11.89
CA ASP D 153 -1.89 13.43 -12.51
CA ASP D 153 -2.02 13.42 -12.43
C ASP D 153 -2.12 13.65 -14.00
C ASP D 153 -2.33 13.54 -13.93
N ILE D 154 -2.92 14.68 -14.36
CA ILE D 154 -3.24 14.95 -15.78
C ILE D 154 -1.95 15.19 -16.60
N LEU D 155 -1.00 15.92 -16.01
CA LEU D 155 0.31 16.25 -16.61
C LEU D 155 1.07 14.91 -16.78
N SER D 156 1.06 14.07 -15.76
CA SER D 156 1.77 12.77 -15.86
C SER D 156 1.13 11.85 -16.93
N THR D 157 -0.16 11.91 -17.22
CA THR D 157 -0.77 10.97 -18.18
C THR D 157 -0.80 11.59 -19.56
N SER D 158 -0.31 12.83 -19.72
CA SER D 158 -0.01 13.40 -21.07
C SER D 158 1.00 12.52 -21.82
N GLY D 159 0.92 12.49 -23.16
CA GLY D 159 2.11 12.12 -23.97
C GLY D 159 3.34 13.00 -23.70
N THR D 160 4.44 12.72 -24.37
CA THR D 160 5.72 13.46 -24.22
C THR D 160 5.50 14.97 -24.44
N VAL D 161 4.71 15.30 -25.46
CA VAL D 161 4.34 16.71 -25.83
C VAL D 161 3.17 17.16 -24.94
N VAL D 162 3.46 18.14 -24.08
CA VAL D 162 2.48 18.67 -23.07
C VAL D 162 2.19 20.14 -23.43
N THR D 163 0.96 20.42 -23.79
CA THR D 163 0.53 21.79 -24.17
C THR D 163 -0.27 22.35 -23.00
N ILE D 164 0.13 23.46 -22.44
CA ILE D 164 -0.66 24.03 -21.31
C ILE D 164 -1.20 25.39 -21.74
N THR D 165 -2.45 25.61 -21.38
CA THR D 165 -3.11 26.90 -21.64
C THR D 165 -3.09 27.70 -20.37
N ILE D 166 -2.53 28.90 -20.48
CA ILE D 166 -2.25 29.74 -19.29
C ILE D 166 -3.02 31.05 -19.46
N MET D 167 -3.29 31.69 -18.31
CA MET D 167 -3.92 33.02 -18.15
C MET D 167 -3.24 33.77 -17.00
N PRO D 168 -2.96 35.10 -17.19
CA PRO D 168 -2.35 35.92 -16.14
C PRO D 168 -3.21 35.83 -14.86
N ALA D 169 -2.60 35.55 -13.70
CA ALA D 169 -3.28 35.31 -12.41
C ALA D 169 -4.37 36.35 -12.11
N PHE D 170 -4.05 37.64 -12.23
N PHE D 170 -4.09 37.65 -12.29
CA PHE D 170 -4.94 38.78 -11.95
CA PHE D 170 -4.98 38.80 -11.93
C PHE D 170 -6.25 38.63 -12.72
C PHE D 170 -6.25 38.83 -12.80
N ILE D 171 -6.16 38.35 -14.04
CA ILE D 171 -7.36 38.16 -14.92
C ILE D 171 -8.15 36.92 -14.48
N PHE D 172 -7.50 35.81 -14.24
CA PHE D 172 -8.15 34.55 -13.80
C PHE D 172 -8.94 34.81 -12.52
N GLU D 173 -8.35 35.53 -11.57
CA GLU D 173 -8.91 35.84 -10.21
C GLU D 173 -10.18 36.64 -10.46
N HIS D 174 -10.17 37.53 -11.43
CA HIS D 174 -11.32 38.36 -11.81
C HIS D 174 -12.38 37.50 -12.44
N ILE D 175 -12.05 36.58 -13.36
CA ILE D 175 -13.08 35.81 -14.09
C ILE D 175 -13.76 34.87 -13.11
N ILE D 176 -13.07 34.31 -12.12
CA ILE D 176 -13.73 33.26 -11.29
C ILE D 176 -14.44 33.89 -10.07
N LYS D 177 -14.46 35.21 -9.93
CA LYS D 177 -15.15 35.97 -8.88
C LYS D 177 -16.65 35.81 -9.08
N ARG D 178 -17.32 35.63 -7.94
CA ARG D 178 -18.79 35.49 -7.86
C ARG D 178 -19.13 34.16 -8.54
N MET D 179 -18.42 33.12 -8.16
CA MET D 179 -18.78 31.72 -8.50
C MET D 179 -18.44 30.86 -7.30
N ALA D 180 -19.39 30.08 -6.76
CA ALA D 180 -19.13 29.23 -5.61
C ALA D 180 -18.15 28.16 -6.00
N PRO D 181 -17.19 27.92 -5.07
CA PRO D 181 -16.25 26.81 -5.19
C PRO D 181 -16.99 25.50 -5.44
N SER D 182 -18.18 25.27 -4.84
CA SER D 182 -18.99 24.03 -4.94
C SER D 182 -19.58 23.90 -6.35
N ILE D 183 -19.89 25.03 -6.98
CA ILE D 183 -20.42 25.07 -8.36
C ILE D 183 -19.23 24.74 -9.29
N MET D 184 -18.09 25.43 -9.13
CA MET D 184 -16.83 25.29 -9.92
C MET D 184 -16.42 23.81 -9.86
N LYS D 185 -16.31 23.26 -8.65
CA LYS D 185 -15.92 21.84 -8.41
C LYS D 185 -16.92 20.84 -9.01
N SER D 186 -18.23 21.05 -8.94
CA SER D 186 -19.23 20.05 -9.40
C SER D 186 -19.73 20.24 -10.86
N LEU D 187 -19.78 21.42 -11.46
CA LEU D 187 -20.45 21.59 -12.76
C LEU D 187 -19.40 21.80 -13.88
N MET D 188 -18.16 22.22 -13.56
CA MET D 188 -17.18 22.66 -14.61
C MET D 188 -16.89 21.47 -15.57
N ASP D 189 -17.09 21.64 -16.87
CA ASP D 189 -16.67 20.70 -17.94
C ASP D 189 -15.18 20.32 -17.88
N HIS D 190 -14.81 19.05 -17.76
CA HIS D 190 -13.41 18.55 -17.77
C HIS D 190 -13.25 17.46 -18.82
N THR D 191 -14.13 17.42 -19.79
CA THR D 191 -14.24 16.30 -20.74
C THR D 191 -13.11 16.39 -21.77
N ILE D 192 -12.79 15.24 -22.32
CA ILE D 192 -11.82 15.18 -23.46
C ILE D 192 -12.47 14.35 -24.56
N PRO D 193 -12.01 14.53 -25.81
CA PRO D 193 -12.57 13.79 -26.93
C PRO D 193 -12.50 12.26 -26.78
N GLU D 194 -11.37 11.74 -26.31
CA GLU D 194 -11.20 10.27 -26.15
C GLU D 194 -10.08 10.04 -25.13
N VAL D 195 -9.87 8.78 -24.74
CA VAL D 195 -8.64 8.30 -24.08
C VAL D 195 -7.87 7.46 -25.11
C1 EDO E . 9.44 -0.54 4.82
O1 EDO E . 8.37 -0.82 3.94
C2 EDO E . 9.26 -1.17 6.15
O2 EDO E . 9.59 -2.53 6.17
C1 EDO F . -31.92 -19.18 27.14
O1 EDO F . -30.95 -19.00 26.14
C2 EDO F . -31.70 -20.35 27.99
O2 EDO F . -30.35 -20.65 28.28
C1 EDO G . -26.25 -10.85 6.27
O1 EDO G . -27.25 -9.87 5.99
C2 EDO G . -26.47 -12.19 5.60
O2 EDO G . -27.58 -12.90 6.10
N DGL H . -19.87 -18.24 31.07
CA DGL H . -20.25 -17.11 30.18
C DGL H . -19.63 -17.31 28.78
O DGL H . -18.66 -18.08 28.60
CB DGL H . -21.78 -16.99 30.13
CG DGL H . -22.50 -18.30 29.92
CD DGL H . -23.96 -18.20 29.49
OE1 DGL H . -24.52 -19.23 29.07
OE2 DGL H . -24.54 -17.10 29.59
OXT DGL H . -20.07 -16.72 27.78
C3 4MB I . 14.43 6.19 -16.89
C5 4MB I . 12.97 6.71 -15.02
N1 4MB I . 14.68 3.78 -17.55
C2 4MB I . 14.15 4.83 -16.72
C4 4MB I . 13.84 7.13 -16.04
C6 4MB I . 12.35 7.65 -14.04
C9 4MB I . 12.70 5.37 -14.88
C12 4MB I . 14.73 4.54 -20.15
C10 4MB I . 13.28 4.44 -15.71
O7 4MB I . 11.60 7.23 -13.15
O8 4MB I . 12.68 8.91 -14.19
S11 4MB I . 15.69 3.97 -18.80
O14 4MB I . 16.57 5.04 -18.40
O13 4MB I . 16.25 2.71 -19.14
C1 EDO J . 32.48 3.05 -7.10
O1 EDO J . 31.41 2.16 -6.82
C2 EDO J . 32.08 4.48 -7.21
O2 EDO J . 31.21 4.86 -8.31
C1 EDO K . 18.29 -5.98 3.78
O1 EDO K . 18.11 -5.69 2.38
C2 EDO K . 19.48 -5.39 4.46
O2 EDO K . 20.07 -6.20 5.52
N GLY L . 24.35 8.42 16.90
CA GLY L . 25.68 8.89 17.40
C GLY L . 26.70 9.02 16.29
O GLY L . 27.89 8.92 16.57
OXT GLY L . 26.40 9.21 15.09
C1 EDO M . -12.92 21.01 -22.91
O1 EDO M . -11.87 21.92 -23.09
C2 EDO M . -13.22 20.80 -21.49
O2 EDO M . -12.21 20.03 -20.79
C1 EDO N . -9.22 43.95 -14.85
O1 EDO N . -10.23 44.42 -15.72
C2 EDO N . -8.42 42.86 -15.44
O2 EDO N . -8.91 41.56 -15.19
S SO4 O . -5.48 22.24 -4.07
O1 SO4 O . -4.44 22.91 -3.33
O2 SO4 O . -5.38 20.82 -3.84
O3 SO4 O . -5.32 22.51 -5.47
O4 SO4 O . -6.76 22.70 -3.62
S SO4 P . -26.07 33.55 -11.84
O1 SO4 P . -25.75 34.89 -12.27
O2 SO4 P . -24.98 33.03 -11.05
O3 SO4 P . -27.28 33.57 -11.06
O4 SO4 P . -26.25 32.71 -13.00
S SO4 Q . 9.00 8.23 -17.08
O1 SO4 Q . 9.73 7.45 -18.03
O2 SO4 Q . 9.77 8.36 -15.87
O3 SO4 Q . 7.75 7.58 -16.78
O4 SO4 Q . 8.75 9.54 -17.62
N ALA R . 6.41 19.61 -11.44
CA ALA R . 5.71 19.31 -12.74
C ALA R . 6.69 19.22 -13.92
O ALA R . 7.80 19.83 -13.88
CB ALA R . 4.66 20.36 -12.98
OXT ALA R . 6.37 18.55 -14.94
N DGL S . -20.73 44.42 -11.99
CA DGL S . -20.11 43.06 -11.86
C DGL S . -20.65 42.14 -12.97
O DGL S . -20.22 40.95 -13.02
CB DGL S . -18.59 43.17 -11.85
CG DGL S . -18.02 44.09 -12.93
CD DGL S . -16.59 43.78 -13.37
OE1 DGL S . -15.87 43.10 -12.60
OE2 DGL S . -16.20 44.20 -14.49
OXT DGL S . -21.53 42.57 -13.80
N GLY T . -18.89 46.69 -17.59
CA GLY T . -20.35 46.55 -17.84
C GLY T . -21.12 46.60 -16.54
O GLY T . -20.70 45.98 -15.58
OXT GLY T . -22.15 47.26 -16.46
#